data_5YV2
#
_entry.id   5YV2
#
_cell.length_a   86.400
_cell.length_b   57.250
_cell.length_c   110.950
_cell.angle_alpha   90.00
_cell.angle_beta   94.75
_cell.angle_gamma   90.00
#
_symmetry.space_group_name_H-M   'P 1 21 1'
#
loop_
_entity.id
_entity.type
_entity.pdbx_description
1 polymer 'DNA polymerase IV'
2 polymer DTN1
3 polymer DTN2
4 non-polymer 'MAGNESIUM ION'
5 non-polymer 'PHOSPHATE ION'
6 water water
#
loop_
_entity_poly.entity_id
_entity_poly.type
_entity_poly.pdbx_seq_one_letter_code
_entity_poly.pdbx_strand_id
1 'polypeptide(L)'
;GSRKIIHVDMDCFFAAVEMRDNPALRDIPIAIGGSRERRGVISTANYPARKFGVRSAMPTGMALKLCPHLTLLPGRFDAY
KEASNHIREIFSRYTSRIEPLSLDEAYLDVTDSVHCHGSATLIAQEIRQTIFNELQLTASAGVAPVKFLAKIASDMNKPN
GQFVITPAEVPAFLQTLPLAKIPGVGKVSAAKLEAMGLRTCGDVQKCDLVMLLKRFGKFGRILWERSQGIDERDVNSERL
RKSVGVERTMAEDIHHWSECEAIIERLYPELERRLAKVKPDLLIARQGVKLKFDDFQQTTQEHVWPRLNKADLIATARKT
WDERRGGRGVRLVGLHVTLLDPQMERQLVLGL
;
F,A
2 'polydeoxyribonucleotide' (DT)(DC)(DT)(DA)(DG)(DG)(DG)(DT)(DC)(DC)(DT)(DA)(DG)(DG)(DA)(DC)(DC)(DC) G,B
3 'polydeoxyribonucleotide' (DT)(DC)(DT)(DA)(DG)(DG)(DG)(DT)(DC)(DC)(DT)(DA)(DG)(DG)(DA)(DC)(DC)(DC)(DT) H,C
#
loop_
_chem_comp.id
_chem_comp.type
_chem_comp.name
_chem_comp.formula
DA DNA linking 2'-DEOXYADENOSINE-5'-MONOPHOSPHATE 'C10 H14 N5 O6 P'
DC DNA linking 2'-DEOXYCYTIDINE-5'-MONOPHOSPHATE 'C9 H14 N3 O7 P'
DG DNA linking 2'-DEOXYGUANOSINE-5'-MONOPHOSPHATE 'C10 H14 N5 O7 P'
DT DNA linking THYMIDINE-5'-MONOPHOSPHATE 'C10 H15 N2 O8 P'
MG non-polymer 'MAGNESIUM ION' 'Mg 2'
PO4 non-polymer 'PHOSPHATE ION' 'O4 P -3'
#
# COMPACT_ATOMS: atom_id res chain seq x y z
N GLY A 1 -15.19 -2.70 44.40
CA GLY A 1 -15.93 -3.26 43.28
C GLY A 1 -15.06 -4.00 42.28
N SER A 2 -14.00 -4.66 42.78
CA SER A 2 -13.10 -5.38 41.91
C SER A 2 -13.64 -6.79 41.65
N ARG A 3 -13.74 -7.14 40.38
CA ARG A 3 -14.35 -8.38 39.93
C ARG A 3 -13.31 -9.50 39.90
N LYS A 4 -13.80 -10.75 39.93
CA LYS A 4 -12.96 -11.94 39.78
C LYS A 4 -13.34 -12.64 38.49
N ILE A 5 -12.46 -12.62 37.50
CA ILE A 5 -12.71 -13.23 36.21
C ILE A 5 -11.71 -14.35 35.99
N ILE A 6 -12.22 -15.53 35.62
CA ILE A 6 -11.37 -16.67 35.29
C ILE A 6 -11.51 -16.93 33.80
N HIS A 7 -10.38 -17.21 33.16
CA HIS A 7 -10.35 -17.73 31.82
C HIS A 7 -9.80 -19.15 31.87
N VAL A 8 -10.58 -20.12 31.41
CA VAL A 8 -10.18 -21.53 31.42
C VAL A 8 -9.92 -21.93 29.97
N ASP A 9 -8.81 -22.61 29.72
CA ASP A 9 -8.37 -22.86 28.35
C ASP A 9 -7.78 -24.26 28.26
N MET A 10 -8.37 -25.14 27.44
CA MET A 10 -7.89 -26.51 27.37
C MET A 10 -6.51 -26.55 26.71
N ASP A 11 -5.65 -27.47 27.17
CA ASP A 11 -4.30 -27.58 26.64
C ASP A 11 -4.30 -28.41 25.36
N CYS A 12 -3.69 -27.87 24.30
CA CYS A 12 -3.58 -28.53 22.99
C CYS A 12 -4.82 -29.35 22.65
N PHE A 13 -5.99 -28.68 22.71
CA PHE A 13 -7.28 -29.36 22.88
C PHE A 13 -7.47 -30.53 21.91
N PHE A 14 -7.49 -30.27 20.60
CA PHE A 14 -7.77 -31.34 19.66
C PHE A 14 -6.78 -32.49 19.84
N ALA A 15 -5.48 -32.15 19.91
CA ALA A 15 -4.45 -33.17 20.09
C ALA A 15 -4.62 -33.90 21.42
N ALA A 16 -4.91 -33.16 22.50
CA ALA A 16 -5.09 -33.82 23.80
C ALA A 16 -6.19 -34.86 23.74
N VAL A 17 -7.31 -34.56 23.06
CA VAL A 17 -8.38 -35.53 22.93
C VAL A 17 -7.92 -36.75 22.15
N GLU A 18 -7.18 -36.56 21.05
CA GLU A 18 -6.71 -37.72 20.27
C GLU A 18 -5.76 -38.61 21.06
N MET A 19 -4.97 -38.04 21.98
CA MET A 19 -4.02 -38.86 22.74
C MET A 19 -4.71 -39.64 23.85
N ARG A 20 -5.68 -39.02 24.51
CA ARG A 20 -6.52 -39.74 25.45
C ARG A 20 -7.18 -40.94 24.77
N ASP A 21 -7.70 -40.74 23.57
CA ASP A 21 -8.43 -41.81 22.87
C ASP A 21 -7.54 -42.77 22.10
N ASN A 22 -6.27 -42.43 21.90
CA ASN A 22 -5.30 -43.35 21.30
C ASN A 22 -3.96 -43.15 21.99
N PRO A 23 -3.74 -43.80 23.13
CA PRO A 23 -2.50 -43.56 23.89
C PRO A 23 -1.23 -43.81 23.10
N ALA A 24 -1.30 -44.46 21.93
CA ALA A 24 -0.10 -44.65 21.12
C ALA A 24 0.46 -43.33 20.62
N LEU A 25 -0.36 -42.27 20.61
CA LEU A 25 0.01 -40.96 20.08
C LEU A 25 0.68 -40.07 21.12
N ARG A 26 0.81 -40.51 22.37
CA ARG A 26 1.16 -39.61 23.46
C ARG A 26 2.55 -39.00 23.26
N ASP A 27 3.52 -39.81 22.88
CA ASP A 27 4.92 -39.41 22.93
C ASP A 27 5.55 -39.21 21.55
N ILE A 28 4.76 -39.24 20.49
CA ILE A 28 5.24 -38.94 19.15
C ILE A 28 4.63 -37.63 18.68
N PRO A 29 5.26 -36.93 17.74
CA PRO A 29 4.70 -35.66 17.24
C PRO A 29 3.44 -35.90 16.43
N ILE A 30 2.32 -35.32 16.86
CA ILE A 30 1.07 -35.45 16.13
C ILE A 30 0.47 -34.08 15.89
N ALA A 31 -0.40 -34.00 14.88
CA ALA A 31 -1.10 -32.75 14.61
C ALA A 31 -2.43 -33.06 13.91
N ILE A 32 -3.46 -32.31 14.26
CA ILE A 32 -4.70 -32.31 13.49
C ILE A 32 -4.54 -31.25 12.40
N GLY A 33 -4.73 -31.65 11.16
CA GLY A 33 -4.58 -30.75 10.03
C GLY A 33 -4.77 -31.51 8.72
N GLY A 34 -5.10 -30.75 7.67
CA GLY A 34 -5.23 -31.33 6.34
C GLY A 34 -3.88 -31.72 5.77
N SER A 35 -3.88 -32.77 4.96
CA SER A 35 -2.64 -33.25 4.39
C SER A 35 -2.04 -32.22 3.44
N ARG A 36 -0.75 -32.37 3.19
CA ARG A 36 -0.07 -31.56 2.16
C ARG A 36 -0.77 -31.71 0.82
N GLU A 37 -1.26 -32.90 0.51
CA GLU A 37 -1.96 -33.10 -0.76
C GLU A 37 -3.30 -32.38 -0.77
N ARG A 38 -3.93 -32.18 0.40
CA ARG A 38 -5.14 -31.40 0.44
C ARG A 38 -4.87 -29.90 0.62
N ARG A 39 -3.59 -29.49 0.58
CA ARG A 39 -3.19 -28.09 0.76
C ARG A 39 -3.67 -27.56 2.11
N GLY A 40 -3.56 -28.40 3.13
CA GLY A 40 -4.07 -28.07 4.45
C GLY A 40 -3.08 -27.32 5.31
N VAL A 41 -3.58 -26.91 6.47
CA VAL A 41 -2.81 -26.26 7.52
C VAL A 41 -2.99 -27.06 8.79
N ILE A 42 -2.16 -26.73 9.77
CA ILE A 42 -2.23 -27.36 11.09
C ILE A 42 -3.29 -26.66 11.91
N SER A 43 -4.22 -27.44 12.46
CA SER A 43 -5.18 -26.86 13.43
C SER A 43 -4.51 -26.69 14.77
N THR A 44 -3.93 -27.77 15.27
CA THR A 44 -3.10 -27.71 16.47
C THR A 44 -2.17 -28.92 16.49
N ALA A 45 -1.23 -28.90 17.43
CA ALA A 45 -0.25 -29.95 17.53
C ALA A 45 -0.01 -30.23 19.01
N ASN A 46 0.59 -31.39 19.28
CA ASN A 46 0.96 -31.74 20.64
C ASN A 46 2.35 -31.20 20.94
N TYR A 47 2.81 -31.36 22.19
CA TYR A 47 4.09 -30.74 22.53
C TYR A 47 5.27 -31.44 21.83
N PRO A 48 5.27 -32.75 21.66
CA PRO A 48 6.37 -33.34 20.87
C PRO A 48 6.49 -32.74 19.48
N ALA A 49 5.38 -32.36 18.85
CA ALA A 49 5.48 -31.70 17.54
C ALA A 49 5.83 -30.23 17.67
N ARG A 50 5.28 -29.54 18.69
CA ARG A 50 5.63 -28.14 18.89
C ARG A 50 7.12 -27.97 19.13
N LYS A 51 7.76 -28.96 19.74
CA LYS A 51 9.22 -28.95 19.93
C LYS A 51 9.96 -28.67 18.63
N PHE A 52 9.42 -29.15 17.49
CA PHE A 52 10.05 -28.93 16.19
C PHE A 52 9.66 -27.60 15.57
N GLY A 53 8.83 -26.80 16.24
CA GLY A 53 8.35 -25.56 15.70
C GLY A 53 6.98 -25.63 15.05
N VAL A 54 6.30 -26.78 15.11
CA VAL A 54 4.96 -26.89 14.54
C VAL A 54 3.98 -26.02 15.31
N ARG A 55 3.17 -25.20 14.61
CA ARG A 55 2.25 -24.28 15.26
C ARG A 55 0.91 -24.32 14.53
N SER A 56 -0.15 -23.86 15.22
CA SER A 56 -1.46 -23.67 14.60
C SER A 56 -1.36 -22.65 13.46
N ALA A 57 -2.15 -22.87 12.41
CA ALA A 57 -2.20 -22.06 11.19
C ALA A 57 -0.97 -22.21 10.31
N MET A 58 0.00 -23.09 10.64
CA MET A 58 1.12 -23.23 9.75
C MET A 58 0.73 -24.12 8.56
N PRO A 59 1.14 -23.77 7.35
CA PRO A 59 0.93 -24.68 6.21
C PRO A 59 1.53 -26.04 6.50
N THR A 60 0.77 -27.08 6.14
CA THR A 60 1.15 -28.43 6.52
C THR A 60 2.46 -28.85 5.86
N GLY A 61 2.71 -28.38 4.63
CA GLY A 61 4.01 -28.62 4.02
C GLY A 61 5.16 -28.07 4.86
N MET A 62 4.95 -26.91 5.49
CA MET A 62 5.99 -26.35 6.34
C MET A 62 6.14 -27.15 7.63
N ALA A 63 5.02 -27.53 8.25
CA ALA A 63 5.08 -28.38 9.44
C ALA A 63 5.86 -29.67 9.18
N LEU A 64 5.71 -30.24 7.99
CA LEU A 64 6.41 -31.46 7.63
C LEU A 64 7.88 -31.22 7.32
N LYS A 65 8.22 -30.03 6.82
CA LYS A 65 9.64 -29.73 6.66
C LYS A 65 10.30 -29.62 8.01
N LEU A 66 9.65 -28.96 8.97
CA LEU A 66 10.18 -28.85 10.32
C LEU A 66 10.17 -30.18 11.05
N CYS A 67 9.20 -31.04 10.77
CA CYS A 67 8.97 -32.25 11.57
C CYS A 67 8.57 -33.39 10.62
N PRO A 68 9.55 -34.00 9.96
CA PRO A 68 9.24 -34.98 8.91
C PRO A 68 8.45 -36.20 9.38
N HIS A 69 8.54 -36.55 10.65
CA HIS A 69 7.79 -37.68 11.19
C HIS A 69 6.43 -37.29 11.76
N LEU A 70 5.99 -36.06 11.51
CA LEU A 70 4.70 -35.60 12.01
C LEU A 70 3.60 -36.56 11.60
N THR A 71 2.73 -36.92 12.54
CA THR A 71 1.59 -37.78 12.25
C THR A 71 0.35 -36.90 12.11
N LEU A 72 -0.24 -36.91 10.93
CA LEU A 72 -1.34 -36.02 10.61
C LEU A 72 -2.66 -36.72 10.89
N LEU A 73 -3.57 -36.03 11.60
CA LEU A 73 -4.86 -36.57 11.96
C LEU A 73 -5.96 -35.73 11.33
N PRO A 74 -7.06 -36.34 10.94
CA PRO A 74 -8.12 -35.58 10.25
C PRO A 74 -9.01 -34.77 11.19
N GLY A 75 -9.21 -35.24 12.40
CA GLY A 75 -10.12 -34.49 13.26
C GLY A 75 -11.40 -35.28 13.52
N ARG A 76 -11.83 -35.30 14.77
CA ARG A 76 -13.05 -35.99 15.20
C ARG A 76 -13.91 -34.98 15.97
N PHE A 77 -14.60 -34.12 15.22
CA PHE A 77 -15.22 -32.94 15.80
C PHE A 77 -16.34 -33.29 16.79
N ASP A 78 -17.09 -34.37 16.57
CA ASP A 78 -18.07 -34.73 17.60
C ASP A 78 -17.39 -35.09 18.92
N ALA A 79 -16.18 -35.66 18.85
CA ALA A 79 -15.47 -35.94 20.09
C ALA A 79 -15.03 -34.66 20.78
N TYR A 80 -14.65 -33.63 20.02
CA TYR A 80 -14.28 -32.36 20.64
C TYR A 80 -15.51 -31.64 21.20
N LYS A 81 -16.63 -31.68 20.45
CA LYS A 81 -17.86 -31.07 20.93
C LYS A 81 -18.33 -31.73 22.21
N GLU A 82 -18.11 -33.04 22.33
CA GLU A 82 -18.48 -33.77 23.54
C GLU A 82 -17.66 -33.30 24.73
N ALA A 83 -16.35 -33.12 24.53
CA ALA A 83 -15.51 -32.61 25.61
C ALA A 83 -15.87 -31.17 25.93
N SER A 84 -16.18 -30.37 24.90
CA SER A 84 -16.62 -29.00 25.13
C SER A 84 -17.88 -28.95 26.00
N ASN A 85 -18.91 -29.69 25.59
CA ASN A 85 -20.13 -29.73 26.38
C ASN A 85 -19.84 -30.13 27.82
N HIS A 86 -18.88 -31.03 28.02
CA HIS A 86 -18.61 -31.53 29.36
C HIS A 86 -17.92 -30.46 30.21
N ILE A 87 -16.94 -29.74 29.66
CA ILE A 87 -16.30 -28.73 30.50
C ILE A 87 -17.26 -27.58 30.79
N ARG A 88 -18.14 -27.26 29.85
CA ARG A 88 -19.11 -26.19 30.10
C ARG A 88 -20.06 -26.57 31.23
N GLU A 89 -20.45 -27.85 31.30
CA GLU A 89 -21.29 -28.29 32.40
C GLU A 89 -20.52 -28.24 33.71
N ILE A 90 -19.22 -28.53 33.68
CA ILE A 90 -18.39 -28.40 34.88
C ILE A 90 -18.33 -26.94 35.32
N PHE A 91 -18.12 -26.02 34.38
CA PHE A 91 -18.19 -24.60 34.71
C PHE A 91 -19.51 -24.26 35.40
N SER A 92 -20.62 -24.84 34.92
CA SER A 92 -21.93 -24.51 35.46
C SER A 92 -22.08 -24.94 36.92
N ARG A 93 -21.28 -25.90 37.41
CA ARG A 93 -21.37 -26.26 38.82
C ARG A 93 -20.88 -25.13 39.72
N TYR A 94 -20.15 -24.18 39.17
CA TYR A 94 -19.55 -23.10 39.94
C TYR A 94 -20.27 -21.77 39.78
N THR A 95 -20.78 -21.49 38.58
CA THR A 95 -21.47 -20.23 38.29
C THR A 95 -22.25 -20.39 37.00
N SER A 96 -23.28 -19.57 36.86
CA SER A 96 -23.96 -19.43 35.58
C SER A 96 -23.34 -18.34 34.71
N ARG A 97 -22.43 -17.54 35.26
CA ARG A 97 -21.81 -16.44 34.52
C ARG A 97 -20.67 -17.00 33.68
N ILE A 98 -21.04 -17.61 32.55
CA ILE A 98 -20.10 -18.32 31.66
C ILE A 98 -20.24 -17.74 30.27
N GLU A 99 -19.12 -17.33 29.68
CA GLU A 99 -19.11 -16.87 28.30
C GLU A 99 -18.12 -17.72 27.53
N PRO A 100 -18.61 -18.76 26.84
CA PRO A 100 -17.71 -19.55 26.00
C PRO A 100 -17.22 -18.71 24.84
N LEU A 101 -15.92 -18.84 24.52
CA LEU A 101 -15.31 -18.11 23.43
C LEU A 101 -14.95 -18.98 22.24
N SER A 102 -14.97 -20.30 22.43
CA SER A 102 -14.71 -21.31 21.41
C SER A 102 -14.99 -22.63 22.10
N LEU A 103 -14.78 -23.76 21.42
CA LEU A 103 -15.07 -25.05 22.05
C LEU A 103 -14.36 -25.19 23.39
N ASP A 104 -13.10 -24.78 23.44
CA ASP A 104 -12.23 -25.23 24.53
C ASP A 104 -11.95 -24.17 25.58
N GLU A 105 -12.63 -23.02 25.54
CA GLU A 105 -12.33 -22.00 26.51
C GLU A 105 -13.58 -21.19 26.85
N ALA A 106 -13.50 -20.47 27.95
CA ALA A 106 -14.60 -19.65 28.44
C ALA A 106 -14.08 -18.66 29.47
N TYR A 107 -14.78 -17.53 29.55
CA TYR A 107 -14.72 -16.66 30.71
C TYR A 107 -15.76 -17.08 31.73
N LEU A 108 -15.38 -17.00 33.01
CA LEU A 108 -16.27 -17.11 34.14
C LEU A 108 -16.12 -15.87 35.01
N ASP A 109 -17.25 -15.31 35.45
CA ASP A 109 -17.24 -14.23 36.44
C ASP A 109 -17.62 -14.87 37.77
N VAL A 110 -16.64 -15.00 38.68
CA VAL A 110 -16.90 -15.65 39.96
C VAL A 110 -16.85 -14.61 41.07
N THR A 111 -17.16 -13.36 40.74
CA THR A 111 -17.14 -12.29 41.74
C THR A 111 -18.10 -12.59 42.88
N ASP A 112 -19.34 -12.95 42.55
CA ASP A 112 -20.37 -13.25 43.54
C ASP A 112 -20.42 -14.73 43.89
N SER A 113 -19.35 -15.48 43.63
CA SER A 113 -19.26 -16.87 44.06
C SER A 113 -18.75 -16.95 45.50
N VAL A 114 -19.24 -17.97 46.22
CA VAL A 114 -18.69 -18.34 47.53
C VAL A 114 -18.46 -19.84 47.53
N HIS A 115 -17.78 -20.35 46.50
CA HIS A 115 -17.54 -21.78 46.38
C HIS A 115 -16.27 -22.23 47.11
N CYS A 116 -15.17 -21.49 46.95
CA CYS A 116 -13.96 -21.87 47.66
C CYS A 116 -13.54 -20.73 48.57
N HIS A 117 -14.40 -20.39 49.53
CA HIS A 117 -14.24 -19.22 50.37
C HIS A 117 -14.16 -17.93 49.54
N GLY A 118 -14.76 -17.96 48.35
CA GLY A 118 -14.64 -16.85 47.44
C GLY A 118 -13.30 -16.73 46.75
N SER A 119 -12.44 -17.74 46.87
CA SER A 119 -11.12 -17.69 46.26
C SER A 119 -11.23 -18.07 44.79
N ALA A 120 -11.00 -17.10 43.89
CA ALA A 120 -10.98 -17.39 42.47
C ALA A 120 -9.79 -18.28 42.10
N THR A 121 -8.69 -18.16 42.84
CA THR A 121 -7.55 -19.05 42.60
C THR A 121 -7.92 -20.49 42.87
N LEU A 122 -8.53 -20.76 44.02
CA LEU A 122 -8.93 -22.12 44.38
C LEU A 122 -10.06 -22.63 43.50
N ILE A 123 -10.96 -21.74 43.05
CA ILE A 123 -12.00 -22.17 42.11
C ILE A 123 -11.37 -22.61 40.79
N ALA A 124 -10.44 -21.81 40.26
CA ALA A 124 -9.78 -22.20 39.02
C ALA A 124 -9.07 -23.53 39.17
N GLN A 125 -8.39 -23.71 40.31
CA GLN A 125 -7.70 -24.97 40.58
C GLN A 125 -8.68 -26.13 40.65
N GLU A 126 -9.79 -25.93 41.37
CA GLU A 126 -10.77 -27.00 41.48
C GLU A 126 -11.40 -27.34 40.13
N ILE A 127 -11.51 -26.34 39.25
CA ILE A 127 -12.07 -26.59 37.92
C ILE A 127 -11.08 -27.35 37.06
N ARG A 128 -9.81 -26.95 37.07
CA ARG A 128 -8.81 -27.67 36.28
C ARG A 128 -8.71 -29.12 36.72
N GLN A 129 -8.62 -29.35 38.03
CA GLN A 129 -8.90 -30.67 38.55
C GLN A 129 -10.37 -30.97 38.30
N THR A 130 -10.75 -32.23 38.34
CA THR A 130 -12.11 -32.64 38.02
C THR A 130 -12.39 -32.51 36.52
N ILE A 131 -11.86 -31.49 35.83
CA ILE A 131 -11.79 -31.58 34.36
C ILE A 131 -10.79 -32.65 33.99
N PHE A 132 -9.65 -32.68 34.68
CA PHE A 132 -8.71 -33.78 34.51
C PHE A 132 -9.33 -35.08 35.00
N ASN A 133 -9.89 -35.10 36.21
CA ASN A 133 -10.84 -36.16 36.49
C ASN A 133 -11.99 -36.03 35.47
N GLU A 134 -12.86 -37.02 35.41
CA GLU A 134 -14.01 -36.97 34.49
C GLU A 134 -13.65 -36.94 32.99
N LEU A 135 -12.65 -36.15 32.56
CA LEU A 135 -12.32 -36.13 31.13
C LEU A 135 -10.89 -36.58 30.77
N GLN A 136 -9.98 -36.66 31.73
CA GLN A 136 -8.59 -37.06 31.46
C GLN A 136 -7.93 -36.18 30.39
N LEU A 137 -8.24 -34.89 30.44
CA LEU A 137 -7.58 -33.85 29.65
C LEU A 137 -7.16 -32.77 30.62
N THR A 138 -6.12 -32.01 30.30
CA THR A 138 -5.69 -30.97 31.22
C THR A 138 -6.11 -29.61 30.68
N ALA A 139 -6.26 -28.66 31.60
CA ALA A 139 -6.60 -27.30 31.27
C ALA A 139 -5.70 -26.37 32.04
N SER A 140 -5.55 -25.16 31.51
CA SER A 140 -4.86 -24.09 32.19
C SER A 140 -5.85 -22.98 32.48
N ALA A 141 -5.46 -22.06 33.34
CA ALA A 141 -6.40 -21.00 33.74
C ALA A 141 -5.65 -19.72 34.08
N GLY A 142 -6.36 -18.63 33.92
CA GLY A 142 -5.87 -17.32 34.31
C GLY A 142 -6.94 -16.67 35.17
N VAL A 143 -6.49 -15.92 36.17
CA VAL A 143 -7.38 -15.21 37.10
C VAL A 143 -6.94 -13.75 37.11
N ALA A 144 -7.87 -12.84 36.82
CA ALA A 144 -7.56 -11.42 36.82
C ALA A 144 -8.82 -10.61 37.15
N PRO A 145 -8.68 -9.30 37.32
CA PRO A 145 -9.87 -8.48 37.65
C PRO A 145 -10.70 -8.11 36.43
N VAL A 146 -10.19 -8.33 35.21
CA VAL A 146 -10.90 -8.01 33.96
C VAL A 146 -10.62 -9.10 32.93
N LYS A 147 -11.45 -9.15 31.88
CA LYS A 147 -11.37 -10.24 30.91
C LYS A 147 -9.99 -10.42 30.28
N PHE A 148 -9.44 -9.36 29.68
CA PHE A 148 -8.32 -9.58 28.78
C PHE A 148 -7.08 -9.98 29.57
N LEU A 149 -6.94 -9.49 30.79
CA LEU A 149 -5.82 -9.92 31.61
C LEU A 149 -5.95 -11.37 32.02
N ALA A 150 -7.18 -11.83 32.29
CA ALA A 150 -7.41 -13.24 32.60
C ALA A 150 -7.02 -14.12 31.42
N LYS A 151 -7.38 -13.71 30.21
CA LYS A 151 -7.07 -14.51 29.03
C LYS A 151 -5.57 -14.54 28.76
N ILE A 152 -4.89 -13.40 28.93
CA ILE A 152 -3.43 -13.41 28.86
C ILE A 152 -2.87 -14.34 29.92
N ALA A 153 -3.42 -14.26 31.14
CA ALA A 153 -2.88 -15.00 32.26
C ALA A 153 -2.97 -16.52 32.06
N SER A 154 -4.01 -17.00 31.36
CA SER A 154 -4.17 -18.44 31.20
C SER A 154 -3.08 -19.02 30.31
N ASP A 155 -2.50 -18.21 29.45
CA ASP A 155 -1.40 -18.66 28.60
C ASP A 155 -0.07 -18.72 29.33
N MET A 156 0.08 -18.04 30.46
CA MET A 156 1.44 -17.87 30.96
C MET A 156 1.96 -19.05 31.76
N ASN A 157 1.10 -19.96 32.19
CA ASN A 157 1.56 -21.13 32.92
C ASN A 157 1.05 -22.40 32.25
N LYS A 158 0.83 -22.35 30.93
CA LYS A 158 0.48 -23.50 30.08
C LYS A 158 1.65 -24.46 29.96
N PRO A 159 1.42 -25.78 29.97
CA PRO A 159 0.16 -26.51 30.20
C PRO A 159 -0.08 -26.93 31.64
N ASN A 160 -1.33 -27.27 31.94
CA ASN A 160 -1.69 -27.78 33.26
C ASN A 160 -1.15 -26.87 34.37
N GLY A 161 -1.48 -25.58 34.27
CA GLY A 161 -1.11 -24.62 35.29
C GLY A 161 -2.04 -23.43 35.25
N GLN A 162 -1.83 -22.50 36.18
CA GLN A 162 -2.64 -21.28 36.19
C GLN A 162 -1.78 -20.11 36.65
N PHE A 163 -2.30 -18.89 36.43
CA PHE A 163 -1.60 -17.66 36.79
C PHE A 163 -2.61 -16.64 37.31
N VAL A 164 -2.27 -15.95 38.38
CA VAL A 164 -3.18 -15.02 39.05
C VAL A 164 -2.58 -13.61 39.02
N ILE A 165 -3.35 -12.65 38.53
CA ILE A 165 -2.93 -11.24 38.53
C ILE A 165 -3.87 -10.46 39.44
N THR A 166 -3.31 -9.87 40.55
CA THR A 166 -4.11 -9.05 41.45
C THR A 166 -4.12 -7.61 40.99
N PRO A 167 -5.07 -6.80 41.51
CA PRO A 167 -5.04 -5.36 41.19
C PRO A 167 -3.71 -4.70 41.49
N ALA A 168 -3.07 -5.05 42.61
CA ALA A 168 -1.80 -4.41 42.94
C ALA A 168 -0.72 -4.79 41.93
N GLU A 169 -0.82 -5.97 41.34
CA GLU A 169 0.15 -6.44 40.36
C GLU A 169 -0.08 -5.94 38.93
N VAL A 170 -1.24 -5.33 38.66
CA VAL A 170 -1.56 -4.93 37.29
C VAL A 170 -0.60 -3.93 36.68
N PRO A 171 -0.22 -2.84 37.35
CA PRO A 171 0.69 -1.87 36.70
C PRO A 171 2.06 -2.42 36.30
N ALA A 172 2.74 -3.18 37.18
CA ALA A 172 4.02 -3.76 36.77
C ALA A 172 3.85 -4.72 35.62
N PHE A 173 2.73 -5.47 35.62
CA PHE A 173 2.48 -6.43 34.56
C PHE A 173 2.27 -5.74 33.22
N LEU A 174 1.51 -4.64 33.22
CA LEU A 174 1.25 -3.90 32.00
C LEU A 174 2.50 -3.26 31.42
N GLN A 175 3.44 -2.83 32.28
CA GLN A 175 4.48 -1.92 31.85
C GLN A 175 5.25 -2.43 30.64
N THR A 176 5.59 -3.72 30.62
CA THR A 176 6.36 -4.29 29.51
C THR A 176 5.55 -5.34 28.74
N LEU A 177 4.25 -5.41 28.96
CA LEU A 177 3.38 -6.33 28.22
C LEU A 177 3.37 -5.94 26.74
N PRO A 178 3.80 -6.84 25.83
CA PRO A 178 3.69 -6.52 24.40
C PRO A 178 2.24 -6.33 24.00
N LEU A 179 2.02 -5.35 23.11
CA LEU A 179 0.65 -5.07 22.68
C LEU A 179 0.06 -6.27 21.96
N ALA A 180 0.89 -7.03 21.23
CA ALA A 180 0.36 -8.19 20.50
C ALA A 180 -0.25 -9.24 21.42
N LYS A 181 0.12 -9.25 22.71
CA LYS A 181 -0.51 -10.17 23.64
C LYS A 181 -1.97 -9.85 23.90
N ILE A 182 -2.42 -8.62 23.64
CA ILE A 182 -3.81 -8.23 23.88
C ILE A 182 -4.70 -8.90 22.86
N PRO A 183 -5.69 -9.70 23.27
CA PRO A 183 -6.62 -10.29 22.30
C PRO A 183 -7.29 -9.22 21.48
N GLY A 184 -7.19 -9.33 20.16
CA GLY A 184 -7.71 -8.35 19.23
C GLY A 184 -6.65 -7.47 18.60
N VAL A 185 -5.45 -7.43 19.18
CA VAL A 185 -4.30 -6.81 18.55
C VAL A 185 -3.59 -7.94 17.80
N GLY A 186 -3.74 -7.97 16.48
CA GLY A 186 -3.15 -8.99 15.66
C GLY A 186 -1.90 -8.51 14.94
N LYS A 187 -1.52 -9.28 13.91
CA LYS A 187 -0.25 -9.03 13.22
C LYS A 187 -0.22 -7.65 12.60
N VAL A 188 -1.30 -7.28 11.90
CA VAL A 188 -1.32 -6.03 11.16
C VAL A 188 -1.29 -4.85 12.12
N SER A 189 -2.07 -4.93 13.21
CA SER A 189 -2.11 -3.85 14.19
C SER A 189 -0.76 -3.72 14.89
N ALA A 190 -0.14 -4.85 15.24
CA ALA A 190 1.11 -4.79 15.96
C ALA A 190 2.20 -4.18 15.10
N ALA A 191 2.16 -4.41 13.79
CA ALA A 191 3.15 -3.82 12.90
C ALA A 191 2.92 -2.32 12.74
N LYS A 192 1.66 -1.89 12.63
CA LYS A 192 1.38 -0.45 12.60
C LYS A 192 1.83 0.23 13.89
N LEU A 193 1.56 -0.40 15.04
CA LEU A 193 1.94 0.18 16.32
C LEU A 193 3.45 0.15 16.50
N GLU A 194 4.08 -0.95 16.06
CA GLU A 194 5.54 -1.03 16.11
C GLU A 194 6.16 0.07 15.28
N ALA A 195 5.64 0.34 14.09
CA ALA A 195 6.29 1.30 13.21
C ALA A 195 6.10 2.73 13.67
N MET A 196 5.24 2.99 14.65
CA MET A 196 5.20 4.31 15.27
C MET A 196 5.86 4.31 16.65
N GLY A 197 6.59 3.25 16.99
CA GLY A 197 7.31 3.20 18.25
C GLY A 197 6.50 2.72 19.43
N LEU A 198 5.46 1.93 19.21
CA LEU A 198 4.58 1.47 20.28
C LEU A 198 4.64 -0.06 20.30
N ARG A 199 5.35 -0.61 21.26
CA ARG A 199 5.50 -2.05 21.37
C ARG A 199 4.74 -2.63 22.53
N THR A 200 4.69 -1.91 23.64
CA THR A 200 4.19 -2.40 24.91
C THR A 200 3.08 -1.49 25.42
N CYS A 201 2.34 -2.02 26.40
CA CYS A 201 1.32 -1.21 27.05
C CYS A 201 1.94 0.00 27.74
N GLY A 202 3.19 -0.13 28.21
CA GLY A 202 3.85 1.02 28.80
C GLY A 202 4.10 2.14 27.80
N ASP A 203 4.46 1.77 26.57
CA ASP A 203 4.59 2.74 25.48
C ASP A 203 3.27 3.46 25.22
N VAL A 204 2.17 2.70 25.16
CA VAL A 204 0.89 3.31 24.83
C VAL A 204 0.41 4.20 25.98
N GLN A 205 0.78 3.88 27.21
CA GLN A 205 0.40 4.70 28.36
C GLN A 205 0.88 6.14 28.20
N LYS A 206 2.01 6.36 27.55
CA LYS A 206 2.52 7.70 27.32
C LYS A 206 1.84 8.40 26.14
N CYS A 207 0.77 7.82 25.60
CA CYS A 207 0.12 8.37 24.42
C CYS A 207 -1.18 9.09 24.77
N ASP A 208 -1.49 10.09 23.96
CA ASP A 208 -2.72 10.86 24.09
C ASP A 208 -3.88 10.09 23.48
N LEU A 209 -5.00 10.02 24.21
CA LEU A 209 -6.20 9.39 23.69
C LEU A 209 -6.66 10.04 22.39
N VAL A 210 -6.58 11.38 22.32
CA VAL A 210 -7.06 12.06 21.10
C VAL A 210 -6.26 11.60 19.89
N MET A 211 -4.95 11.38 20.07
CA MET A 211 -4.13 10.90 18.97
C MET A 211 -4.51 9.47 18.60
N LEU A 212 -4.62 8.59 19.60
CA LEU A 212 -5.05 7.21 19.32
C LEU A 212 -6.39 7.19 18.58
N LEU A 213 -7.32 8.07 18.98
CA LEU A 213 -8.62 8.09 18.31
C LEU A 213 -8.50 8.55 16.87
N LYS A 214 -7.70 9.59 16.61
CA LYS A 214 -7.52 10.04 15.23
C LYS A 214 -6.95 8.92 14.36
N ARG A 215 -5.94 8.22 14.88
CA ARG A 215 -5.15 7.29 14.08
C ARG A 215 -5.75 5.89 13.99
N PHE A 216 -6.58 5.48 14.95
CA PHE A 216 -7.10 4.13 14.95
C PHE A 216 -8.61 4.05 15.12
N GLY A 217 -9.32 5.18 15.21
CA GLY A 217 -10.75 5.14 15.43
C GLY A 217 -11.07 4.53 16.78
N LYS A 218 -12.20 3.83 16.84
CA LYS A 218 -12.62 3.20 18.09
C LYS A 218 -11.59 2.23 18.62
N PHE A 219 -10.83 1.59 17.73
CA PHE A 219 -9.79 0.68 18.19
C PHE A 219 -8.74 1.41 19.03
N GLY A 220 -8.47 2.68 18.72
CA GLY A 220 -7.53 3.44 19.51
C GLY A 220 -7.99 3.65 20.94
N ARG A 221 -9.31 3.75 21.14
CA ARG A 221 -9.83 3.82 22.49
C ARG A 221 -9.63 2.49 23.22
N ILE A 222 -9.84 1.37 22.52
CA ILE A 222 -9.54 0.06 23.09
C ILE A 222 -8.05 -0.03 23.51
N LEU A 223 -7.14 0.34 22.60
CA LEU A 223 -5.71 0.35 22.94
C LEU A 223 -5.44 1.19 24.18
N TRP A 224 -6.01 2.40 24.21
CA TRP A 224 -5.78 3.29 25.34
C TRP A 224 -6.29 2.67 26.64
N GLU A 225 -7.49 2.08 26.60
CA GLU A 225 -8.04 1.42 27.78
C GLU A 225 -7.19 0.23 28.19
N ARG A 226 -6.96 -0.70 27.26
CA ARG A 226 -6.28 -1.94 27.61
C ARG A 226 -4.89 -1.68 28.14
N SER A 227 -4.21 -0.66 27.64
CA SER A 227 -2.87 -0.39 28.10
C SER A 227 -2.83 0.08 29.54
N GLN A 228 -3.98 0.35 30.13
CA GLN A 228 -4.06 0.77 31.54
C GLN A 228 -4.73 -0.28 32.41
N GLY A 229 -4.96 -1.48 31.87
CA GLY A 229 -5.72 -2.47 32.60
C GLY A 229 -7.22 -2.29 32.56
N ILE A 230 -7.74 -1.32 31.80
CA ILE A 230 -9.16 -1.00 31.78
C ILE A 230 -9.83 -1.94 30.79
N ASP A 231 -10.82 -2.71 31.27
CA ASP A 231 -11.58 -3.60 30.42
C ASP A 231 -12.89 -3.87 31.15
N GLU A 232 -13.90 -3.05 30.86
CA GLU A 232 -15.17 -3.16 31.56
C GLU A 232 -16.12 -4.17 30.93
N ARG A 233 -15.69 -4.90 29.89
CA ARG A 233 -16.62 -5.80 29.22
C ARG A 233 -17.14 -6.84 30.20
N ASP A 234 -18.45 -6.91 30.33
CA ASP A 234 -19.06 -7.89 31.22
C ASP A 234 -19.01 -9.27 30.61
N VAL A 235 -18.87 -10.28 31.46
CA VAL A 235 -19.07 -11.66 31.03
C VAL A 235 -20.53 -11.79 30.62
N ASN A 236 -20.77 -12.30 29.42
CA ASN A 236 -22.11 -12.16 28.86
C ASN A 236 -23.06 -13.28 29.30
N SER A 237 -22.89 -14.46 28.73
CA SER A 237 -23.64 -15.73 28.91
C SER A 237 -24.85 -15.82 28.00
N GLU A 238 -25.19 -14.79 27.23
CA GLU A 238 -26.39 -14.84 26.38
C GLU A 238 -26.08 -14.64 24.89
N ARG A 239 -24.85 -14.87 24.48
CA ARG A 239 -24.46 -14.70 23.09
C ARG A 239 -25.06 -15.81 22.23
N LEU A 240 -25.50 -15.44 21.02
CA LEU A 240 -26.11 -16.37 20.10
C LEU A 240 -25.37 -16.38 18.76
N ARG A 241 -25.44 -17.53 18.11
CA ARG A 241 -24.83 -17.73 16.80
C ARG A 241 -25.53 -16.88 15.75
N LYS A 242 -24.75 -16.29 14.84
CA LYS A 242 -25.29 -15.36 13.86
C LYS A 242 -25.14 -15.81 12.42
N SER A 243 -24.31 -16.79 12.14
CA SER A 243 -24.09 -17.24 10.77
C SER A 243 -23.79 -18.73 10.81
N VAL A 244 -23.89 -19.38 9.65
CA VAL A 244 -23.28 -20.68 9.47
C VAL A 244 -22.72 -20.74 8.06
N GLY A 245 -21.53 -21.31 7.92
CA GLY A 245 -20.86 -21.37 6.65
C GLY A 245 -20.29 -22.75 6.41
N VAL A 246 -20.18 -23.10 5.13
CA VAL A 246 -19.56 -24.35 4.71
C VAL A 246 -18.69 -24.01 3.51
N GLU A 247 -17.39 -24.24 3.63
CA GLU A 247 -16.50 -23.99 2.51
C GLU A 247 -15.48 -25.11 2.40
N ARG A 248 -14.89 -25.20 1.21
CA ARG A 248 -13.95 -26.26 0.91
C ARG A 248 -12.84 -25.71 0.01
N THR A 249 -11.58 -25.97 0.38
CA THR A 249 -10.45 -25.73 -0.50
C THR A 249 -10.11 -27.01 -1.25
N MET A 250 -10.05 -26.91 -2.58
CA MET A 250 -9.71 -28.07 -3.40
C MET A 250 -8.22 -28.33 -3.42
N ALA A 251 -7.85 -29.58 -3.74
CA ALA A 251 -6.42 -29.91 -3.85
C ALA A 251 -5.81 -29.22 -5.06
N GLU A 252 -6.55 -29.11 -6.15
CA GLU A 252 -6.14 -28.39 -7.35
C GLU A 252 -7.10 -27.23 -7.59
N ASP A 253 -6.57 -26.11 -8.07
CA ASP A 253 -7.44 -25.01 -8.46
C ASP A 253 -8.38 -25.50 -9.57
N ILE A 254 -9.62 -24.99 -9.56
CA ILE A 254 -10.58 -25.28 -10.62
C ILE A 254 -10.59 -24.12 -11.59
N HIS A 255 -10.91 -24.42 -12.85
CA HIS A 255 -10.87 -23.42 -13.90
C HIS A 255 -12.13 -23.35 -14.74
N HIS A 256 -13.15 -24.16 -14.44
CA HIS A 256 -14.36 -24.21 -15.26
C HIS A 256 -15.60 -24.16 -14.37
N TRP A 257 -16.63 -23.48 -14.86
CA TRP A 257 -17.87 -23.34 -14.09
C TRP A 257 -18.44 -24.70 -13.69
N SER A 258 -18.38 -25.68 -14.60
CA SER A 258 -18.91 -27.00 -14.28
C SER A 258 -18.28 -27.55 -13.01
N GLU A 259 -16.97 -27.33 -12.85
CA GLU A 259 -16.29 -27.78 -11.64
C GLU A 259 -16.82 -27.06 -10.41
N CYS A 260 -16.97 -25.74 -10.51
CA CYS A 260 -17.49 -24.96 -9.39
C CYS A 260 -18.89 -25.44 -9.01
N GLU A 261 -19.75 -25.62 -10.01
CA GLU A 261 -21.12 -26.03 -9.73
C GLU A 261 -21.16 -27.41 -9.08
N ALA A 262 -20.24 -28.31 -9.48
CA ALA A 262 -20.18 -29.63 -8.87
C ALA A 262 -19.77 -29.56 -7.41
N ILE A 263 -18.82 -28.67 -7.07
CA ILE A 263 -18.45 -28.44 -5.67
C ILE A 263 -19.66 -27.99 -4.85
N ILE A 264 -20.41 -27.01 -5.36
CA ILE A 264 -21.58 -26.51 -4.64
C ILE A 264 -22.57 -27.62 -4.35
N GLU A 265 -22.79 -28.52 -5.33
CA GLU A 265 -23.70 -29.64 -5.10
C GLU A 265 -23.29 -30.50 -3.91
N ARG A 266 -22.00 -30.63 -3.63
CA ARG A 266 -21.59 -31.38 -2.44
C ARG A 266 -21.66 -30.53 -1.18
N LEU A 267 -21.44 -29.23 -1.31
CA LEU A 267 -21.47 -28.34 -0.16
C LEU A 267 -22.89 -28.12 0.34
N TYR A 268 -23.85 -28.03 -0.57
CA TYR A 268 -25.18 -27.61 -0.14
C TYR A 268 -25.81 -28.57 0.85
N PRO A 269 -25.83 -29.89 0.63
CA PRO A 269 -26.46 -30.77 1.63
C PRO A 269 -25.85 -30.61 3.01
N GLU A 270 -24.55 -30.33 3.09
CA GLU A 270 -23.92 -30.13 4.39
C GLU A 270 -24.42 -28.85 5.06
N LEU A 271 -24.48 -27.75 4.29
CA LEU A 271 -25.02 -26.50 4.82
C LEU A 271 -26.45 -26.70 5.32
N GLU A 272 -27.28 -27.38 4.52
CA GLU A 272 -28.66 -27.66 4.94
C GLU A 272 -28.70 -28.44 6.25
N ARG A 273 -27.92 -29.52 6.35
CA ARG A 273 -27.95 -30.36 7.54
C ARG A 273 -27.59 -29.55 8.78
N ARG A 274 -26.61 -28.66 8.66
CA ARG A 274 -26.15 -27.90 9.82
C ARG A 274 -27.11 -26.79 10.18
N LEU A 275 -27.70 -26.11 9.18
CA LEU A 275 -28.72 -25.12 9.48
C LEU A 275 -29.91 -25.77 10.16
N ALA A 276 -30.35 -26.93 9.64
CA ALA A 276 -31.53 -27.61 10.17
C ALA A 276 -31.38 -27.98 11.64
N LYS A 277 -30.15 -28.20 12.13
CA LYS A 277 -29.99 -28.50 13.56
C LYS A 277 -30.43 -27.32 14.41
N VAL A 278 -30.23 -26.09 13.92
CA VAL A 278 -30.52 -24.89 14.71
C VAL A 278 -31.79 -24.19 14.24
N LYS A 279 -32.19 -24.39 12.99
CA LYS A 279 -33.36 -23.74 12.42
C LYS A 279 -34.03 -24.76 11.54
N PRO A 280 -34.89 -25.61 12.13
CA PRO A 280 -35.46 -26.72 11.35
C PRO A 280 -36.25 -26.27 10.14
N ASP A 281 -36.84 -25.07 10.17
CA ASP A 281 -37.62 -24.59 9.05
C ASP A 281 -36.77 -23.90 8.00
N LEU A 282 -35.46 -23.83 8.21
CA LEU A 282 -34.49 -23.28 7.27
C LEU A 282 -34.66 -21.78 7.02
N LEU A 283 -35.43 -21.09 7.86
CA LEU A 283 -35.66 -19.66 7.65
C LEU A 283 -34.46 -18.87 8.13
N ILE A 284 -34.02 -17.92 7.32
CA ILE A 284 -32.75 -17.22 7.50
C ILE A 284 -32.96 -15.77 7.12
N ALA A 285 -31.94 -14.95 7.33
CA ALA A 285 -31.96 -13.54 6.94
C ALA A 285 -31.28 -13.27 5.60
N ARG A 286 -30.14 -13.92 5.34
CA ARG A 286 -29.39 -13.72 4.11
C ARG A 286 -28.73 -15.05 3.74
N GLN A 287 -28.41 -15.20 2.45
CA GLN A 287 -27.56 -16.30 2.03
C GLN A 287 -26.66 -15.81 0.91
N GLY A 288 -25.55 -16.52 0.72
CA GLY A 288 -24.56 -16.06 -0.20
C GLY A 288 -23.44 -17.07 -0.39
N VAL A 289 -22.43 -16.63 -1.13
CA VAL A 289 -21.38 -17.51 -1.60
C VAL A 289 -20.04 -16.81 -1.41
N LYS A 290 -18.99 -17.60 -1.52
CA LYS A 290 -17.62 -17.12 -1.37
C LYS A 290 -16.76 -17.86 -2.36
N LEU A 291 -15.87 -17.13 -3.02
CA LEU A 291 -14.85 -17.69 -3.90
C LEU A 291 -13.51 -17.14 -3.47
N LYS A 292 -12.50 -18.00 -3.46
CA LYS A 292 -11.14 -17.55 -3.22
C LYS A 292 -10.31 -17.97 -4.42
N PHE A 293 -9.55 -17.03 -4.96
CA PHE A 293 -8.82 -17.26 -6.20
C PHE A 293 -7.41 -17.75 -5.91
N ASP A 294 -6.73 -18.17 -6.97
CA ASP A 294 -5.35 -18.65 -6.84
C ASP A 294 -4.40 -17.56 -6.39
N ASP A 295 -4.77 -16.28 -6.56
CA ASP A 295 -4.02 -15.17 -5.98
C ASP A 295 -4.53 -14.77 -4.61
N PHE A 296 -5.29 -15.66 -3.96
CA PHE A 296 -5.76 -15.52 -2.59
C PHE A 296 -6.63 -14.29 -2.34
N GLN A 297 -6.94 -13.47 -3.35
CA GLN A 297 -8.03 -12.52 -3.15
C GLN A 297 -9.32 -13.30 -2.96
N GLN A 298 -10.16 -12.84 -2.05
CA GLN A 298 -11.44 -13.51 -1.88
C GLN A 298 -12.56 -12.52 -2.03
N THR A 299 -13.71 -13.01 -2.48
CA THR A 299 -14.88 -12.18 -2.64
C THR A 299 -16.09 -12.93 -2.10
N THR A 300 -17.03 -12.18 -1.57
CA THR A 300 -18.29 -12.73 -1.08
C THR A 300 -19.42 -11.93 -1.69
N GLN A 301 -20.50 -12.59 -2.05
CA GLN A 301 -21.70 -11.85 -2.39
C GLN A 301 -22.88 -12.57 -1.79
N GLU A 302 -23.69 -11.79 -1.11
CA GLU A 302 -24.67 -12.25 -0.15
C GLU A 302 -25.83 -11.28 -0.21
N HIS A 303 -27.03 -11.78 0.07
CA HIS A 303 -28.19 -10.90 -0.08
C HIS A 303 -29.33 -11.41 0.79
N VAL A 304 -30.17 -10.47 1.21
CA VAL A 304 -31.47 -10.76 1.82
C VAL A 304 -32.13 -11.91 1.08
N TRP A 305 -32.56 -12.93 1.84
CA TRP A 305 -33.20 -14.08 1.26
C TRP A 305 -33.88 -14.81 2.39
N PRO A 306 -35.07 -15.31 2.21
CA PRO A 306 -35.86 -15.75 3.36
C PRO A 306 -35.65 -17.19 3.79
N ARG A 307 -35.03 -18.04 2.96
CA ARG A 307 -35.01 -19.47 3.25
C ARG A 307 -33.94 -20.14 2.40
N LEU A 308 -33.14 -21.00 3.04
CA LEU A 308 -32.04 -21.68 2.37
C LEU A 308 -32.50 -22.27 1.04
N ASN A 309 -31.79 -21.96 -0.04
CA ASN A 309 -32.22 -22.32 -1.37
C ASN A 309 -31.02 -22.60 -2.26
N LYS A 310 -30.90 -23.85 -2.74
CA LYS A 310 -29.71 -24.26 -3.49
C LYS A 310 -29.59 -23.52 -4.82
N ALA A 311 -30.69 -23.48 -5.59
CA ALA A 311 -30.62 -22.88 -6.92
C ALA A 311 -30.17 -21.42 -6.87
N ASP A 312 -30.66 -20.66 -5.90
CA ASP A 312 -30.20 -19.27 -5.80
C ASP A 312 -28.71 -19.19 -5.45
N LEU A 313 -28.21 -20.13 -4.66
CA LEU A 313 -26.76 -20.12 -4.38
C LEU A 313 -25.97 -20.42 -5.64
N ILE A 314 -26.39 -21.44 -6.40
CA ILE A 314 -25.74 -21.72 -7.69
C ILE A 314 -25.77 -20.49 -8.59
N ALA A 315 -26.97 -19.88 -8.73
CA ALA A 315 -27.12 -18.71 -9.59
C ALA A 315 -26.20 -17.59 -9.12
N THR A 316 -26.16 -17.35 -7.81
CA THR A 316 -25.31 -16.29 -7.29
C THR A 316 -23.84 -16.63 -7.51
N ALA A 317 -23.44 -17.88 -7.26
CA ALA A 317 -22.06 -18.29 -7.57
C ALA A 317 -21.75 -18.09 -9.05
N ARG A 318 -22.72 -18.37 -9.93
CA ARG A 318 -22.48 -18.20 -11.37
C ARG A 318 -22.16 -16.74 -11.69
N LYS A 319 -22.95 -15.80 -11.14
CA LYS A 319 -22.67 -14.38 -11.35
C LYS A 319 -21.29 -14.02 -10.84
N THR A 320 -20.98 -14.43 -9.60
CA THR A 320 -19.66 -14.16 -9.03
C THR A 320 -18.56 -14.75 -9.93
N TRP A 321 -18.73 -16.00 -10.34
CA TRP A 321 -17.80 -16.62 -11.28
C TRP A 321 -17.60 -15.74 -12.50
N ASP A 322 -18.68 -15.41 -13.20
CA ASP A 322 -18.56 -14.67 -14.46
C ASP A 322 -18.02 -13.27 -14.22
N GLU A 323 -18.38 -12.63 -13.10
CA GLU A 323 -18.15 -11.20 -12.97
C GLU A 323 -16.82 -10.84 -12.31
N ARG A 324 -16.40 -11.57 -11.28
CA ARG A 324 -15.25 -11.17 -10.47
C ARG A 324 -14.08 -12.12 -10.60
N ARG A 325 -14.13 -13.11 -11.50
CA ARG A 325 -13.05 -14.09 -11.55
C ARG A 325 -11.86 -13.65 -12.38
N GLY A 326 -12.11 -13.02 -13.53
CA GLY A 326 -11.06 -12.54 -14.40
C GLY A 326 -9.98 -13.58 -14.69
N GLY A 327 -10.40 -14.76 -15.14
CA GLY A 327 -9.47 -15.76 -15.64
C GLY A 327 -8.64 -16.49 -14.60
N ARG A 328 -8.73 -16.15 -13.32
CA ARG A 328 -7.88 -16.79 -12.32
C ARG A 328 -8.41 -18.18 -11.98
N GLY A 329 -7.51 -19.03 -11.49
CA GLY A 329 -7.95 -20.27 -10.86
C GLY A 329 -8.65 -20.02 -9.53
N VAL A 330 -9.50 -20.97 -9.13
CA VAL A 330 -10.26 -20.87 -7.89
C VAL A 330 -9.83 -22.01 -6.98
N ARG A 331 -9.40 -21.66 -5.76
CA ARG A 331 -8.96 -22.68 -4.81
C ARG A 331 -10.01 -23.06 -3.78
N LEU A 332 -11.02 -22.20 -3.57
CA LEU A 332 -12.02 -22.42 -2.54
C LEU A 332 -13.39 -21.96 -3.02
N VAL A 333 -14.41 -22.74 -2.67
CA VAL A 333 -15.80 -22.38 -2.88
C VAL A 333 -16.50 -22.49 -1.53
N GLY A 334 -17.32 -21.50 -1.19
CA GLY A 334 -18.00 -21.50 0.09
C GLY A 334 -19.45 -21.05 -0.04
N LEU A 335 -20.30 -21.63 0.80
CA LEU A 335 -21.70 -21.25 0.94
C LEU A 335 -21.89 -20.63 2.33
N HIS A 336 -22.85 -19.70 2.44
CA HIS A 336 -22.97 -18.94 3.68
C HIS A 336 -24.43 -18.56 3.92
N VAL A 337 -24.79 -18.47 5.19
CA VAL A 337 -26.13 -18.09 5.63
C VAL A 337 -25.97 -17.11 6.79
N THR A 338 -26.73 -16.02 6.77
CA THR A 338 -26.86 -15.14 7.93
C THR A 338 -28.18 -15.46 8.62
N LEU A 339 -28.12 -15.68 9.93
CA LEU A 339 -29.26 -16.12 10.72
C LEU A 339 -30.16 -14.94 11.08
N LEU A 340 -31.46 -15.22 11.25
CA LEU A 340 -32.39 -14.18 11.66
C LEU A 340 -32.04 -13.65 13.05
N ASP A 341 -32.44 -12.39 13.30
CA ASP A 341 -31.97 -11.67 14.49
C ASP A 341 -32.33 -12.25 15.85
N PRO A 342 -33.43 -13.01 16.04
CA PRO A 342 -33.69 -13.19 17.48
C PRO A 342 -32.73 -14.17 18.17
N GLY B 1 8.37 46.73 -32.73
CA GLY B 1 7.76 46.15 -31.54
C GLY B 1 8.20 44.73 -31.26
N SER B 2 9.50 44.47 -31.36
CA SER B 2 10.04 43.15 -31.03
C SER B 2 10.28 43.05 -29.54
N ARG B 3 9.89 41.92 -28.96
CA ARG B 3 10.12 41.67 -27.55
C ARG B 3 11.57 41.27 -27.30
N LYS B 4 11.94 41.23 -26.03
CA LYS B 4 13.25 40.75 -25.60
C LYS B 4 13.03 39.68 -24.55
N ILE B 5 13.30 38.42 -24.93
CA ILE B 5 13.04 37.27 -24.08
C ILE B 5 14.36 36.58 -23.75
N ILE B 6 14.56 36.28 -22.48
CA ILE B 6 15.71 35.51 -22.00
C ILE B 6 15.22 34.17 -21.49
N HIS B 7 15.88 33.10 -21.91
CA HIS B 7 15.73 31.80 -21.27
C HIS B 7 16.98 31.56 -20.45
N VAL B 8 16.82 31.30 -19.14
CA VAL B 8 17.95 31.02 -18.25
C VAL B 8 17.84 29.58 -17.79
N ASP B 9 18.96 28.86 -17.81
CA ASP B 9 18.95 27.41 -17.66
C ASP B 9 20.20 26.98 -16.91
N MET B 10 20.04 26.37 -15.74
CA MET B 10 21.21 25.95 -14.97
C MET B 10 21.93 24.80 -15.67
N ASP B 11 23.26 24.77 -15.54
CA ASP B 11 24.09 23.74 -16.13
C ASP B 11 24.11 22.50 -15.25
N CYS B 12 23.80 21.33 -15.85
CA CYS B 12 23.79 20.03 -15.16
C CYS B 12 23.27 20.14 -13.73
N PHE B 13 22.05 20.67 -13.61
CA PHE B 13 21.62 21.29 -12.36
C PHE B 13 21.87 20.40 -11.15
N PHE B 14 21.25 19.20 -11.09
CA PHE B 14 21.40 18.37 -9.89
C PHE B 14 22.85 18.01 -9.64
N ALA B 15 23.60 17.69 -10.69
CA ALA B 15 24.99 17.31 -10.48
C ALA B 15 25.85 18.52 -10.09
N ALA B 16 25.51 19.71 -10.60
CA ALA B 16 26.27 20.89 -10.21
C ALA B 16 26.11 21.18 -8.73
N VAL B 17 24.88 21.02 -8.21
CA VAL B 17 24.67 21.19 -6.77
C VAL B 17 25.49 20.17 -5.99
N GLU B 18 25.47 18.90 -6.42
CA GLU B 18 26.20 17.88 -5.69
C GLU B 18 27.71 18.12 -5.75
N MET B 19 28.22 18.57 -6.90
CA MET B 19 29.66 18.84 -6.99
C MET B 19 30.05 20.04 -6.13
N ARG B 20 29.22 21.08 -6.12
CA ARG B 20 29.50 22.24 -5.27
C ARG B 20 29.57 21.86 -3.80
N ASP B 21 28.63 21.03 -3.34
CA ASP B 21 28.58 20.67 -1.94
C ASP B 21 29.55 19.55 -1.59
N ASN B 22 30.12 18.87 -2.58
CA ASN B 22 31.16 17.85 -2.35
C ASN B 22 32.20 17.98 -3.45
N PRO B 23 33.22 18.82 -3.24
CA PRO B 23 34.23 19.05 -4.30
C PRO B 23 34.95 17.78 -4.75
N ALA B 24 34.95 16.72 -3.95
CA ALA B 24 35.59 15.47 -4.37
C ALA B 24 34.90 14.82 -5.56
N LEU B 25 33.69 15.27 -5.92
CA LEU B 25 32.96 14.77 -7.07
C LEU B 25 33.19 15.60 -8.33
N ARG B 26 34.13 16.55 -8.30
CA ARG B 26 34.32 17.47 -9.41
C ARG B 26 34.75 16.76 -10.69
N ASP B 27 35.89 16.08 -10.66
CA ASP B 27 36.54 15.58 -11.87
C ASP B 27 36.25 14.12 -12.15
N ILE B 28 35.29 13.53 -11.44
CA ILE B 28 34.96 12.11 -11.63
C ILE B 28 33.55 12.00 -12.18
N PRO B 29 33.22 10.91 -12.90
CA PRO B 29 31.86 10.78 -13.46
C PRO B 29 30.84 10.54 -12.36
N ILE B 30 29.83 11.40 -12.29
CA ILE B 30 28.75 11.24 -11.33
C ILE B 30 27.41 11.39 -12.05
N ALA B 31 26.40 10.72 -11.49
CA ALA B 31 25.03 10.89 -11.92
C ALA B 31 24.12 10.81 -10.71
N ILE B 32 22.99 11.50 -10.80
CA ILE B 32 21.89 11.35 -9.85
C ILE B 32 20.87 10.42 -10.49
N GLY B 33 20.50 9.36 -9.79
CA GLY B 33 19.48 8.46 -10.28
C GLY B 33 19.31 7.30 -9.34
N GLY B 34 18.33 6.46 -9.65
CA GLY B 34 18.06 5.28 -8.86
C GLY B 34 18.92 4.09 -9.28
N SER B 35 19.18 3.19 -8.35
CA SER B 35 20.07 2.08 -8.62
C SER B 35 19.44 1.09 -9.60
N ARG B 36 20.26 0.17 -10.10
CA ARG B 36 19.73 -0.87 -10.97
C ARG B 36 18.76 -1.78 -10.22
N GLU B 37 19.08 -2.13 -8.97
CA GLU B 37 18.21 -3.04 -8.23
C GLU B 37 16.85 -2.41 -7.97
N ARG B 38 16.79 -1.08 -7.90
CA ARG B 38 15.53 -0.36 -7.79
C ARG B 38 14.95 0.01 -9.14
N ARG B 39 15.51 -0.56 -10.22
CA ARG B 39 14.97 -0.40 -11.58
C ARG B 39 14.90 1.07 -11.98
N GLY B 40 15.92 1.83 -11.59
CA GLY B 40 15.92 3.26 -11.79
C GLY B 40 16.55 3.72 -13.10
N VAL B 41 16.47 5.04 -13.30
CA VAL B 41 17.10 5.71 -14.42
C VAL B 41 17.94 6.87 -13.89
N ILE B 42 18.73 7.44 -14.80
CA ILE B 42 19.57 8.61 -14.52
C ILE B 42 18.72 9.88 -14.65
N SER B 43 18.77 10.73 -13.62
CA SER B 43 18.11 12.03 -13.72
C SER B 43 18.99 13.02 -14.49
N THR B 44 20.28 13.06 -14.16
CA THR B 44 21.22 13.85 -14.93
C THR B 44 22.63 13.39 -14.55
N ALA B 45 23.61 13.89 -15.29
CA ALA B 45 24.99 13.51 -15.06
C ALA B 45 25.88 14.72 -15.30
N ASN B 46 27.08 14.68 -14.70
CA ASN B 46 28.04 15.75 -14.93
C ASN B 46 28.83 15.45 -16.21
N TYR B 47 29.67 16.39 -16.62
CA TYR B 47 30.33 16.27 -17.92
C TYR B 47 31.32 15.11 -17.97
N PRO B 48 32.08 14.80 -16.90
CA PRO B 48 32.88 13.57 -16.93
C PRO B 48 32.05 12.32 -17.23
N ALA B 49 30.84 12.22 -16.68
CA ALA B 49 29.98 11.09 -16.98
C ALA B 49 29.43 11.17 -18.40
N ARG B 50 29.11 12.39 -18.87
CA ARG B 50 28.51 12.56 -20.19
C ARG B 50 29.46 12.14 -21.31
N LYS B 51 30.76 12.31 -21.11
CA LYS B 51 31.71 11.94 -22.15
C LYS B 51 31.72 10.44 -22.43
N PHE B 52 31.27 9.63 -21.47
CA PHE B 52 31.09 8.20 -21.69
C PHE B 52 29.72 7.85 -22.25
N GLY B 53 28.88 8.86 -22.53
CA GLY B 53 27.57 8.64 -23.11
C GLY B 53 26.42 8.65 -22.13
N VAL B 54 26.68 8.86 -20.84
CA VAL B 54 25.61 8.89 -19.86
C VAL B 54 24.70 10.08 -20.12
N ARG B 55 23.39 9.84 -20.07
CA ARG B 55 22.38 10.85 -20.39
C ARG B 55 21.20 10.69 -19.44
N SER B 56 20.47 11.79 -19.24
CA SER B 56 19.18 11.73 -18.55
C SER B 56 18.23 10.73 -19.22
N ALA B 57 17.39 10.08 -18.41
CA ALA B 57 16.40 9.06 -18.79
C ALA B 57 17.03 7.72 -19.18
N MET B 58 18.35 7.60 -19.17
CA MET B 58 18.94 6.31 -19.48
C MET B 58 18.74 5.34 -18.32
N PRO B 59 18.40 4.09 -18.60
CA PRO B 59 18.37 3.07 -17.53
C PRO B 59 19.71 3.00 -16.82
N THR B 60 19.66 2.99 -15.48
CA THR B 60 20.90 3.04 -14.71
C THR B 60 21.81 1.86 -15.04
N GLY B 61 21.24 0.71 -15.38
CA GLY B 61 22.05 -0.42 -15.80
C GLY B 61 22.82 -0.15 -17.08
N MET B 62 22.21 0.58 -18.03
CA MET B 62 22.95 0.94 -19.23
C MET B 62 24.00 2.00 -18.91
N ALA B 63 23.67 2.95 -18.03
CA ALA B 63 24.65 3.96 -17.63
C ALA B 63 25.89 3.31 -17.05
N LEU B 64 25.72 2.29 -16.22
CA LEU B 64 26.86 1.63 -15.58
C LEU B 64 27.66 0.81 -16.58
N LYS B 65 26.99 0.20 -17.57
CA LYS B 65 27.74 -0.48 -18.63
C LYS B 65 28.55 0.52 -19.45
N LEU B 66 28.00 1.70 -19.71
CA LEU B 66 28.72 2.72 -20.47
C LEU B 66 29.83 3.37 -19.65
N CYS B 67 29.61 3.53 -18.35
CA CYS B 67 30.56 4.24 -17.47
C CYS B 67 30.72 3.42 -16.19
N PRO B 68 31.54 2.37 -16.22
CA PRO B 68 31.66 1.48 -15.05
C PRO B 68 32.16 2.18 -13.80
N HIS B 69 32.87 3.30 -13.94
CA HIS B 69 33.35 4.07 -12.79
C HIS B 69 32.32 5.04 -12.27
N LEU B 70 31.11 5.01 -12.82
CA LEU B 70 30.08 5.97 -12.45
C LEU B 70 29.82 5.95 -10.96
N THR B 71 29.74 7.14 -10.37
CA THR B 71 29.34 7.31 -8.98
C THR B 71 27.89 7.78 -8.94
N LEU B 72 27.03 6.99 -8.30
CA LEU B 72 25.59 7.20 -8.37
C LEU B 72 25.10 7.85 -7.08
N LEU B 73 24.46 9.00 -7.19
CA LEU B 73 23.92 9.71 -6.04
C LEU B 73 22.39 9.66 -6.02
N PRO B 74 21.77 9.61 -4.83
CA PRO B 74 20.31 9.45 -4.76
C PRO B 74 19.53 10.75 -4.95
N GLY B 75 20.18 11.91 -4.91
CA GLY B 75 19.44 13.14 -5.07
C GLY B 75 19.04 13.77 -3.75
N ARG B 76 19.18 15.08 -3.67
CA ARG B 76 18.89 15.86 -2.46
C ARG B 76 17.91 16.95 -2.84
N PHE B 77 16.63 16.59 -2.94
CA PHE B 77 15.65 17.51 -3.51
C PHE B 77 15.58 18.82 -2.74
N ASP B 78 15.76 18.79 -1.41
CA ASP B 78 15.74 20.03 -0.66
C ASP B 78 16.89 20.95 -1.04
N ALA B 79 18.06 20.39 -1.37
CA ALA B 79 19.13 21.24 -1.87
C ALA B 79 18.77 21.84 -3.22
N TYR B 80 18.15 21.05 -4.10
CA TYR B 80 17.78 21.54 -5.43
C TYR B 80 16.66 22.58 -5.35
N LYS B 81 15.67 22.37 -4.47
CA LYS B 81 14.59 23.36 -4.34
C LYS B 81 15.12 24.67 -3.78
N GLU B 82 16.10 24.60 -2.87
CA GLU B 82 16.68 25.82 -2.31
C GLU B 82 17.37 26.64 -3.40
N ALA B 83 18.20 25.99 -4.20
CA ALA B 83 18.82 26.67 -5.34
C ALA B 83 17.77 27.25 -6.28
N SER B 84 16.74 26.46 -6.61
CA SER B 84 15.68 26.96 -7.49
C SER B 84 15.01 28.21 -6.93
N ASN B 85 14.67 28.19 -5.63
CA ASN B 85 14.08 29.39 -5.02
C ASN B 85 15.00 30.59 -5.15
N HIS B 86 16.30 30.37 -4.94
CA HIS B 86 17.26 31.48 -4.96
C HIS B 86 17.38 32.08 -6.36
N ILE B 87 17.49 31.24 -7.40
CA ILE B 87 17.65 31.80 -8.75
C ILE B 87 16.38 32.54 -9.17
N ARG B 88 15.20 32.03 -8.79
CA ARG B 88 13.97 32.76 -9.09
C ARG B 88 13.97 34.11 -8.38
N GLU B 89 14.49 34.17 -7.16
CA GLU B 89 14.57 35.46 -6.47
C GLU B 89 15.55 36.40 -7.18
N ILE B 90 16.63 35.87 -7.73
CA ILE B 90 17.54 36.69 -8.53
C ILE B 90 16.81 37.22 -9.76
N PHE B 91 16.04 36.36 -10.43
CA PHE B 91 15.28 36.79 -11.60
C PHE B 91 14.40 37.99 -11.29
N SER B 92 13.80 38.00 -10.10
CA SER B 92 12.84 39.05 -9.76
C SER B 92 13.52 40.39 -9.51
N ARG B 93 14.84 40.40 -9.32
CA ARG B 93 15.54 41.68 -9.21
C ARG B 93 15.52 42.43 -10.53
N TYR B 94 15.35 41.72 -11.65
CA TYR B 94 15.42 42.32 -12.99
C TYR B 94 14.06 42.54 -13.62
N THR B 95 13.09 41.66 -13.37
CA THR B 95 11.73 41.86 -13.88
C THR B 95 10.78 40.99 -13.08
N SER B 96 9.52 41.44 -13.01
CA SER B 96 8.47 40.59 -12.47
C SER B 96 7.98 39.57 -13.49
N ARG B 97 8.24 39.81 -14.77
CA ARG B 97 7.71 38.95 -15.84
C ARG B 97 8.58 37.71 -15.96
N ILE B 98 8.30 36.74 -15.08
CA ILE B 98 9.09 35.52 -14.97
C ILE B 98 8.15 34.33 -15.15
N GLU B 99 8.45 33.48 -16.12
CA GLU B 99 7.72 32.22 -16.25
C GLU B 99 8.66 31.03 -16.02
N PRO B 100 8.70 30.46 -14.81
CA PRO B 100 9.49 29.24 -14.59
C PRO B 100 8.88 28.04 -15.31
N LEU B 101 9.74 27.25 -15.95
CA LEU B 101 9.30 26.05 -16.64
C LEU B 101 9.64 24.76 -15.91
N SER B 102 10.56 24.82 -14.97
CA SER B 102 11.03 23.69 -14.17
C SER B 102 11.83 24.32 -13.03
N LEU B 103 12.41 23.48 -12.17
CA LEU B 103 13.19 24.03 -11.07
C LEU B 103 14.29 24.94 -11.59
N ASP B 104 14.97 24.55 -12.66
CA ASP B 104 16.23 25.19 -12.99
C ASP B 104 16.16 26.11 -14.21
N GLU B 105 14.97 26.46 -14.69
CA GLU B 105 14.93 27.34 -15.85
C GLU B 105 13.70 28.23 -15.83
N ALA B 106 13.80 29.35 -16.53
CA ALA B 106 12.68 30.29 -16.63
C ALA B 106 12.83 31.11 -17.91
N TYR B 107 11.70 31.59 -18.42
CA TYR B 107 11.68 32.68 -19.37
C TYR B 107 11.59 34.00 -18.62
N LEU B 108 12.31 35.01 -19.10
CA LEU B 108 12.14 36.39 -18.65
C LEU B 108 11.76 37.26 -19.84
N ASP B 109 10.79 38.15 -19.66
CA ASP B 109 10.46 39.16 -20.65
C ASP B 109 11.05 40.47 -20.15
N VAL B 110 12.15 40.91 -20.77
CA VAL B 110 12.80 42.15 -20.35
C VAL B 110 12.62 43.20 -21.43
N THR B 111 11.52 43.11 -22.20
CA THR B 111 11.24 44.11 -23.22
C THR B 111 11.23 45.52 -22.63
N ASP B 112 10.70 45.68 -21.43
CA ASP B 112 10.56 46.99 -20.78
C ASP B 112 11.63 47.24 -19.73
N SER B 113 12.87 46.80 -19.96
CA SER B 113 13.86 46.79 -18.89
C SER B 113 14.54 48.14 -18.74
N VAL B 114 14.62 48.59 -17.48
CA VAL B 114 15.32 49.82 -17.12
C VAL B 114 16.79 49.61 -16.82
N HIS B 115 17.25 48.36 -16.73
CA HIS B 115 18.51 48.08 -16.04
C HIS B 115 19.76 48.46 -16.84
N CYS B 116 20.36 47.49 -17.54
CA CYS B 116 21.61 47.72 -18.27
C CYS B 116 21.35 48.41 -19.61
N HIS B 117 20.74 49.60 -19.51
CA HIS B 117 20.38 50.39 -20.69
C HIS B 117 19.51 49.58 -21.65
N GLY B 118 18.69 48.68 -21.12
CA GLY B 118 17.78 47.92 -21.96
C GLY B 118 18.42 46.78 -22.73
N SER B 119 19.71 46.51 -22.53
CA SER B 119 20.38 45.46 -23.27
C SER B 119 20.07 44.11 -22.64
N ALA B 120 19.31 43.27 -23.37
CA ALA B 120 19.04 41.92 -22.87
C ALA B 120 20.33 41.09 -22.84
N THR B 121 21.28 41.38 -23.72
CA THR B 121 22.58 40.72 -23.63
C THR B 121 23.22 40.96 -22.27
N LEU B 122 23.27 42.22 -21.85
CA LEU B 122 23.95 42.55 -20.60
C LEU B 122 23.16 42.09 -19.38
N ILE B 123 21.83 42.12 -19.43
CA ILE B 123 21.02 41.59 -18.35
C ILE B 123 21.26 40.10 -18.17
N ALA B 124 21.24 39.35 -19.28
CA ALA B 124 21.50 37.91 -19.19
C ALA B 124 22.90 37.66 -18.61
N GLN B 125 23.89 38.43 -19.04
CA GLN B 125 25.23 38.31 -18.46
C GLN B 125 25.21 38.64 -16.98
N GLU B 126 24.51 39.73 -16.60
CA GLU B 126 24.45 40.06 -15.18
C GLU B 126 23.70 39.01 -14.39
N ILE B 127 22.73 38.32 -14.99
CA ILE B 127 22.01 37.30 -14.25
C ILE B 127 22.85 36.04 -14.08
N ARG B 128 23.61 35.66 -15.11
CA ARG B 128 24.46 34.47 -14.99
C ARG B 128 25.58 34.71 -13.97
N GLN B 129 26.26 35.84 -14.04
CA GLN B 129 26.95 36.34 -12.86
C GLN B 129 25.85 36.66 -11.84
N THR B 130 26.21 36.82 -10.58
CA THR B 130 25.21 36.88 -9.51
C THR B 130 24.66 35.48 -9.22
N ILE B 131 24.20 34.73 -10.23
CA ILE B 131 23.89 33.33 -9.96
C ILE B 131 25.17 32.58 -9.59
N PHE B 132 26.26 32.81 -10.33
CA PHE B 132 27.52 32.15 -9.98
C PHE B 132 28.03 32.64 -8.63
N ASN B 133 28.07 33.95 -8.42
CA ASN B 133 28.19 34.43 -7.05
C ASN B 133 26.92 33.99 -6.29
N GLU B 134 26.89 34.18 -4.99
CA GLU B 134 25.70 33.79 -4.21
C GLU B 134 25.41 32.29 -4.21
N LEU B 135 25.41 31.62 -5.37
CA LEU B 135 25.10 30.19 -5.41
C LEU B 135 26.28 29.27 -5.75
N GLN B 136 27.35 29.80 -6.34
CA GLN B 136 28.48 28.98 -6.77
C GLN B 136 28.07 27.95 -7.81
N LEU B 137 27.06 28.28 -8.63
CA LEU B 137 26.58 27.44 -9.72
C LEU B 137 26.57 28.23 -11.01
N THR B 138 26.77 27.55 -12.12
CA THR B 138 26.80 28.22 -13.41
C THR B 138 25.47 28.06 -14.12
N ALA B 139 25.13 29.07 -14.91
CA ALA B 139 23.96 29.02 -15.76
C ALA B 139 24.35 29.39 -17.18
N SER B 140 23.53 28.97 -18.12
CA SER B 140 23.61 29.44 -19.50
C SER B 140 22.32 30.16 -19.85
N ALA B 141 22.37 31.00 -20.88
CA ALA B 141 21.22 31.83 -21.20
C ALA B 141 21.09 32.03 -22.70
N GLY B 142 19.86 32.18 -23.15
CA GLY B 142 19.58 32.56 -24.52
C GLY B 142 18.71 33.80 -24.58
N VAL B 143 18.94 34.60 -25.61
CA VAL B 143 18.25 35.88 -25.80
C VAL B 143 17.70 35.92 -27.21
N ALA B 144 16.42 36.20 -27.36
CA ALA B 144 15.80 36.10 -28.68
C ALA B 144 14.51 36.90 -28.67
N PRO B 145 13.93 37.16 -29.85
CA PRO B 145 12.68 37.94 -29.90
C PRO B 145 11.44 37.14 -29.51
N VAL B 146 11.53 35.82 -29.38
CA VAL B 146 10.39 34.97 -29.03
C VAL B 146 10.87 33.86 -28.10
N LYS B 147 9.90 33.15 -27.53
CA LYS B 147 10.18 32.12 -26.53
C LYS B 147 11.07 31.00 -27.07
N PHE B 148 10.60 30.30 -28.11
CA PHE B 148 11.27 29.04 -28.47
C PHE B 148 12.70 29.27 -28.98
N LEU B 149 12.97 30.42 -29.62
CA LEU B 149 14.34 30.69 -30.03
C LEU B 149 15.22 31.04 -28.82
N ALA B 150 14.67 31.73 -27.81
CA ALA B 150 15.47 31.98 -26.63
C ALA B 150 15.83 30.69 -25.91
N LYS B 151 14.89 29.73 -25.88
CA LYS B 151 15.19 28.44 -25.25
C LYS B 151 16.21 27.65 -26.06
N ILE B 152 16.09 27.65 -27.38
CA ILE B 152 17.13 27.03 -28.21
C ILE B 152 18.47 27.72 -27.96
N ALA B 153 18.47 29.06 -27.91
CA ALA B 153 19.73 29.78 -27.79
C ALA B 153 20.45 29.47 -26.49
N SER B 154 19.71 29.14 -25.41
CA SER B 154 20.40 28.87 -24.15
C SER B 154 21.17 27.56 -24.20
N ASP B 155 20.84 26.66 -25.12
CA ASP B 155 21.59 25.41 -25.24
C ASP B 155 22.83 25.54 -26.11
N MET B 156 22.97 26.61 -26.88
CA MET B 156 24.01 26.66 -27.89
C MET B 156 25.39 26.96 -27.33
N ASN B 157 25.48 27.62 -26.18
CA ASN B 157 26.78 27.85 -25.57
C ASN B 157 26.83 27.35 -24.13
N LYS B 158 26.11 26.26 -23.84
CA LYS B 158 26.26 25.58 -22.54
C LYS B 158 27.59 24.80 -22.55
N PRO B 159 28.27 24.75 -21.39
CA PRO B 159 27.88 25.41 -20.15
C PRO B 159 28.52 26.80 -19.97
N ASN B 160 27.96 27.56 -19.03
CA ASN B 160 28.53 28.84 -18.62
C ASN B 160 28.73 29.78 -19.80
N GLY B 161 27.72 29.86 -20.66
CA GLY B 161 27.78 30.72 -21.82
C GLY B 161 26.38 31.22 -22.18
N GLN B 162 26.32 32.11 -23.16
CA GLN B 162 25.03 32.57 -23.63
C GLN B 162 25.10 32.79 -25.13
N PHE B 163 23.93 32.99 -25.74
CA PHE B 163 23.85 33.18 -27.18
C PHE B 163 22.65 34.06 -27.49
N VAL B 164 22.85 35.05 -28.34
CA VAL B 164 21.86 36.08 -28.64
C VAL B 164 21.47 35.95 -30.11
N ILE B 165 20.16 36.00 -30.38
CA ILE B 165 19.63 36.02 -31.74
C ILE B 165 18.85 37.31 -31.92
N THR B 166 19.36 38.22 -32.73
CA THR B 166 18.60 39.42 -33.03
C THR B 166 17.51 39.15 -34.06
N PRO B 167 16.47 39.99 -34.10
CA PRO B 167 15.47 39.84 -35.18
C PRO B 167 16.08 39.76 -36.57
N ALA B 168 17.17 40.50 -36.83
CA ALA B 168 17.81 40.45 -38.14
C ALA B 168 18.39 39.07 -38.44
N GLU B 169 18.81 38.35 -37.40
CA GLU B 169 19.47 37.06 -37.59
C GLU B 169 18.51 35.88 -37.68
N VAL B 170 17.22 36.08 -37.34
CA VAL B 170 16.28 34.95 -37.27
C VAL B 170 16.17 34.19 -38.60
N PRO B 171 15.95 34.86 -39.76
CA PRO B 171 15.79 34.07 -41.00
C PRO B 171 16.95 33.14 -41.30
N ALA B 172 18.19 33.66 -41.24
CA ALA B 172 19.36 32.80 -41.43
C ALA B 172 19.40 31.68 -40.40
N PHE B 173 19.08 32.00 -39.14
CA PHE B 173 19.10 30.99 -38.10
C PHE B 173 18.08 29.90 -38.38
N LEU B 174 16.91 30.28 -38.86
CA LEU B 174 15.84 29.33 -39.15
C LEU B 174 16.23 28.32 -40.24
N GLN B 175 16.94 28.78 -41.28
CA GLN B 175 16.97 28.03 -42.54
C GLN B 175 17.47 26.60 -42.35
N THR B 176 18.46 26.40 -41.48
CA THR B 176 19.04 25.09 -41.26
C THR B 176 18.76 24.55 -39.87
N LEU B 177 17.85 25.19 -39.13
CA LEU B 177 17.50 24.77 -37.79
C LEU B 177 16.79 23.42 -37.83
N PRO B 178 17.36 22.35 -37.27
CA PRO B 178 16.65 21.07 -37.27
C PRO B 178 15.35 21.18 -36.48
N LEU B 179 14.28 20.61 -37.06
CA LEU B 179 12.97 20.71 -36.42
C LEU B 179 12.99 20.14 -35.01
N ALA B 180 13.74 19.07 -34.79
CA ALA B 180 13.83 18.43 -33.49
C ALA B 180 14.40 19.34 -32.41
N LYS B 181 15.10 20.42 -32.80
CA LYS B 181 15.52 21.41 -31.82
C LYS B 181 14.34 22.17 -31.22
N ILE B 182 13.19 22.19 -31.90
CA ILE B 182 12.04 22.94 -31.42
C ILE B 182 11.47 22.22 -30.20
N PRO B 183 11.36 22.90 -29.06
CA PRO B 183 10.73 22.27 -27.89
C PRO B 183 9.30 21.89 -28.24
N GLY B 184 8.93 20.67 -27.93
CA GLY B 184 7.66 20.10 -28.33
C GLY B 184 7.74 19.19 -29.54
N VAL B 185 8.79 19.31 -30.35
CA VAL B 185 9.05 18.37 -31.43
C VAL B 185 9.96 17.27 -30.85
N GLY B 186 9.34 16.19 -30.43
CA GLY B 186 10.03 15.06 -29.84
C GLY B 186 10.39 14.01 -30.86
N LYS B 187 10.75 12.83 -30.36
CA LYS B 187 11.32 11.81 -31.24
C LYS B 187 10.26 11.29 -32.21
N VAL B 188 9.02 11.10 -31.74
CA VAL B 188 7.96 10.57 -32.60
C VAL B 188 7.64 11.59 -33.71
N SER B 189 7.53 12.85 -33.35
CA SER B 189 7.23 13.87 -34.36
C SER B 189 8.40 14.06 -35.30
N ALA B 190 9.63 14.14 -34.77
CA ALA B 190 10.80 14.33 -35.63
C ALA B 190 10.93 13.20 -36.64
N ALA B 191 10.70 11.96 -36.22
CA ALA B 191 10.76 10.84 -37.16
C ALA B 191 9.64 10.93 -38.18
N LYS B 192 8.45 11.30 -37.73
CA LYS B 192 7.32 11.47 -38.65
C LYS B 192 7.62 12.53 -39.71
N LEU B 193 8.18 13.66 -39.29
CA LEU B 193 8.59 14.70 -40.22
C LEU B 193 9.70 14.19 -41.14
N GLU B 194 10.70 13.52 -40.57
CA GLU B 194 11.79 12.96 -41.36
C GLU B 194 11.27 11.98 -42.40
N ALA B 195 10.22 11.22 -42.08
CA ALA B 195 9.67 10.25 -43.00
C ALA B 195 8.99 10.88 -44.20
N MET B 196 8.67 12.17 -44.14
CA MET B 196 8.15 12.90 -45.28
C MET B 196 9.15 13.94 -45.80
N GLY B 197 10.43 13.76 -45.50
CA GLY B 197 11.47 14.64 -46.03
C GLY B 197 11.59 15.99 -45.38
N LEU B 198 11.03 16.20 -44.20
CA LEU B 198 11.11 17.48 -43.50
C LEU B 198 12.11 17.34 -42.35
N ARG B 199 13.24 18.02 -42.48
CA ARG B 199 14.31 17.97 -41.49
C ARG B 199 14.51 19.28 -40.76
N THR B 200 14.43 20.40 -41.47
CA THR B 200 14.75 21.71 -40.93
C THR B 200 13.55 22.64 -41.02
N CYS B 201 13.65 23.79 -40.34
CA CYS B 201 12.62 24.81 -40.51
C CYS B 201 12.56 25.28 -41.95
N GLY B 202 13.72 25.38 -42.61
CA GLY B 202 13.74 25.74 -44.01
C GLY B 202 12.89 24.80 -44.87
N ASP B 203 12.96 23.50 -44.58
CA ASP B 203 12.11 22.53 -45.27
C ASP B 203 10.63 22.86 -45.08
N VAL B 204 10.24 23.19 -43.85
CA VAL B 204 8.83 23.37 -43.52
C VAL B 204 8.30 24.68 -44.09
N GLN B 205 9.15 25.71 -44.17
CA GLN B 205 8.75 26.96 -44.82
C GLN B 205 8.32 26.74 -46.27
N LYS B 206 8.68 25.62 -46.86
CA LYS B 206 8.41 25.38 -48.27
C LYS B 206 7.09 24.65 -48.53
N CYS B 207 6.42 24.15 -47.50
CA CYS B 207 5.20 23.39 -47.75
C CYS B 207 3.95 24.10 -47.22
N ASP B 208 2.82 23.50 -47.57
CA ASP B 208 1.51 24.14 -47.48
C ASP B 208 1.00 24.13 -46.05
N LEU B 209 0.51 25.28 -45.57
CA LEU B 209 -0.11 25.31 -44.26
C LEU B 209 -1.28 24.34 -44.19
N VAL B 210 -2.08 24.27 -45.26
CA VAL B 210 -3.21 23.34 -45.31
C VAL B 210 -2.73 21.90 -45.20
N MET B 211 -1.62 21.58 -45.87
CA MET B 211 -1.08 20.23 -45.79
C MET B 211 -0.65 19.91 -44.37
N LEU B 212 0.06 20.83 -43.71
CA LEU B 212 0.50 20.63 -42.33
C LEU B 212 -0.67 20.48 -41.37
N LEU B 213 -1.71 21.30 -41.53
CA LEU B 213 -2.92 21.08 -40.75
C LEU B 213 -3.48 19.69 -41.01
N LYS B 214 -3.46 19.27 -42.28
CA LYS B 214 -4.04 17.98 -42.63
C LYS B 214 -3.22 16.82 -42.06
N ARG B 215 -1.90 16.95 -41.99
CA ARG B 215 -1.10 15.82 -41.49
C ARG B 215 -1.38 15.59 -40.01
N PHE B 216 -1.12 16.57 -39.14
CA PHE B 216 -1.32 16.32 -37.72
C PHE B 216 -1.86 17.56 -37.00
N GLY B 217 -2.90 18.16 -37.57
CA GLY B 217 -3.81 19.01 -36.82
C GLY B 217 -3.15 20.27 -36.27
N LYS B 218 -3.53 20.61 -35.03
CA LYS B 218 -3.08 21.87 -34.44
C LYS B 218 -1.57 21.94 -34.36
N PHE B 219 -0.91 20.81 -34.12
CA PHE B 219 0.55 20.78 -34.12
C PHE B 219 1.10 21.23 -35.48
N GLY B 220 0.37 20.93 -36.56
CA GLY B 220 0.79 21.39 -37.88
C GLY B 220 0.84 22.90 -38.00
N ARG B 221 -0.07 23.60 -37.32
CA ARG B 221 0.02 25.06 -37.28
C ARG B 221 1.25 25.51 -36.50
N ILE B 222 1.55 24.83 -35.40
CA ILE B 222 2.71 25.19 -34.58
C ILE B 222 3.99 25.07 -35.40
N LEU B 223 4.16 23.92 -36.07
CA LEU B 223 5.27 23.74 -37.00
C LEU B 223 5.35 24.89 -37.99
N TRP B 224 4.20 25.25 -38.58
CA TRP B 224 4.20 26.29 -39.59
C TRP B 224 4.67 27.62 -39.03
N GLU B 225 4.23 27.97 -37.82
CA GLU B 225 4.64 29.24 -37.22
C GLU B 225 6.12 29.23 -36.85
N ARG B 226 6.54 28.22 -36.08
CA ARG B 226 7.91 28.19 -35.56
C ARG B 226 8.93 28.18 -36.69
N SER B 227 8.64 27.44 -37.77
CA SER B 227 9.56 27.40 -38.92
C SER B 227 9.78 28.78 -39.51
N GLN B 228 8.81 29.68 -39.35
CA GLN B 228 8.94 31.07 -39.75
C GLN B 228 9.46 31.97 -38.64
N GLY B 229 9.77 31.41 -37.48
CA GLY B 229 10.13 32.24 -36.35
C GLY B 229 8.94 32.91 -35.67
N ILE B 230 7.72 32.51 -36.01
CA ILE B 230 6.53 33.07 -35.36
C ILE B 230 6.28 32.32 -34.06
N ASP B 231 6.14 33.07 -32.97
CA ASP B 231 5.88 32.49 -31.65
C ASP B 231 5.36 33.62 -30.76
N GLU B 232 4.05 33.78 -30.74
CA GLU B 232 3.43 34.87 -30.01
C GLU B 232 3.06 34.50 -28.58
N ARG B 233 3.51 33.34 -28.09
CA ARG B 233 3.24 32.99 -26.70
C ARG B 233 3.85 34.03 -25.76
N ASP B 234 2.99 34.64 -24.95
CA ASP B 234 3.41 35.64 -23.98
C ASP B 234 4.06 34.98 -22.77
N VAL B 235 5.11 35.61 -22.23
CA VAL B 235 5.64 35.17 -20.94
C VAL B 235 4.58 35.37 -19.87
N ASN B 236 4.19 34.29 -19.22
CA ASN B 236 3.03 34.36 -18.33
C ASN B 236 3.42 34.97 -16.97
N SER B 237 3.82 34.13 -16.01
CA SER B 237 4.18 34.46 -14.62
C SER B 237 3.01 34.26 -13.67
N GLU B 238 1.81 33.93 -14.17
CA GLU B 238 0.69 33.64 -13.28
C GLU B 238 0.23 32.19 -13.39
N ARG B 239 1.08 31.30 -13.89
CA ARG B 239 0.69 29.90 -14.02
C ARG B 239 0.73 29.20 -12.67
N LEU B 240 -0.27 28.35 -12.43
CA LEU B 240 -0.38 27.58 -11.20
C LEU B 240 -0.44 26.09 -11.53
N ARG B 241 0.05 25.29 -10.58
CA ARG B 241 -0.02 23.84 -10.68
C ARG B 241 -1.47 23.37 -10.82
N LYS B 242 -1.70 22.40 -11.71
CA LYS B 242 -3.04 21.88 -11.94
C LYS B 242 -3.27 20.47 -11.41
N SER B 243 -2.23 19.74 -11.04
CA SER B 243 -2.39 18.37 -10.59
C SER B 243 -1.32 18.05 -9.56
N VAL B 244 -1.52 16.97 -8.83
CA VAL B 244 -0.58 16.49 -7.81
C VAL B 244 -0.65 14.98 -7.80
N GLY B 245 0.50 14.32 -7.90
CA GLY B 245 0.54 12.87 -7.89
C GLY B 245 1.72 12.35 -7.11
N VAL B 246 1.56 11.11 -6.63
CA VAL B 246 2.63 10.36 -6.00
C VAL B 246 2.59 8.96 -6.61
N GLU B 247 3.75 8.43 -6.97
CA GLU B 247 3.80 7.10 -7.58
C GLU B 247 5.15 6.45 -7.29
N ARG B 248 5.14 5.12 -7.26
CA ARG B 248 6.38 4.40 -7.01
C ARG B 248 6.45 3.17 -7.90
N THR B 249 7.64 2.95 -8.46
CA THR B 249 7.98 1.70 -9.13
C THR B 249 8.65 0.78 -8.12
N MET B 250 8.13 -0.45 -7.99
CA MET B 250 8.67 -1.39 -7.03
C MET B 250 9.88 -2.13 -7.63
N ALA B 251 10.78 -2.57 -6.74
CA ALA B 251 11.93 -3.34 -7.20
C ALA B 251 11.52 -4.66 -7.86
N GLU B 252 10.40 -5.24 -7.45
CA GLU B 252 9.89 -6.43 -8.09
C GLU B 252 8.40 -6.26 -8.35
N ASP B 253 7.92 -6.91 -9.41
CA ASP B 253 6.50 -6.83 -9.75
C ASP B 253 5.64 -7.41 -8.64
N ILE B 254 4.46 -6.85 -8.45
CA ILE B 254 3.51 -7.42 -7.52
C ILE B 254 2.45 -8.20 -8.29
N HIS B 255 1.92 -9.25 -7.65
CA HIS B 255 0.93 -10.11 -8.26
C HIS B 255 -0.30 -10.36 -7.39
N HIS B 256 -0.39 -9.71 -6.23
CA HIS B 256 -1.51 -9.94 -5.34
C HIS B 256 -2.16 -8.61 -4.96
N TRP B 257 -3.50 -8.59 -4.97
CA TRP B 257 -4.22 -7.37 -4.63
C TRP B 257 -3.76 -6.78 -3.30
N SER B 258 -3.47 -7.64 -2.31
CA SER B 258 -3.09 -7.13 -1.00
C SER B 258 -1.82 -6.30 -1.07
N GLU B 259 -0.93 -6.59 -2.02
CA GLU B 259 0.30 -5.82 -2.16
C GLU B 259 -0.01 -4.45 -2.76
N CYS B 260 -0.95 -4.40 -3.68
CA CYS B 260 -1.35 -3.12 -4.27
C CYS B 260 -1.99 -2.23 -3.22
N GLU B 261 -2.89 -2.79 -2.42
CA GLU B 261 -3.50 -2.06 -1.32
C GLU B 261 -2.45 -1.57 -0.35
N ALA B 262 -1.50 -2.44 0.00
CA ALA B 262 -0.48 -2.06 0.98
C ALA B 262 0.36 -0.90 0.46
N ILE B 263 0.66 -0.91 -0.85
CA ILE B 263 1.42 0.20 -1.42
C ILE B 263 0.58 1.48 -1.43
N ILE B 264 -0.71 1.37 -1.71
CA ILE B 264 -1.57 2.55 -1.65
C ILE B 264 -1.55 3.16 -0.26
N GLU B 265 -1.60 2.31 0.78
CA GLU B 265 -1.55 2.81 2.15
C GLU B 265 -0.27 3.58 2.40
N ARG B 266 0.82 3.22 1.72
CA ARG B 266 2.07 3.94 1.90
C ARG B 266 2.12 5.22 1.09
N LEU B 267 1.50 5.23 -0.09
CA LEU B 267 1.50 6.43 -0.90
C LEU B 267 0.54 7.49 -0.39
N TYR B 268 -0.59 7.09 0.21
CA TYR B 268 -1.62 8.08 0.49
C TYR B 268 -1.18 9.18 1.47
N PRO B 269 -0.44 8.89 2.54
CA PRO B 269 -0.01 10.00 3.43
C PRO B 269 0.81 11.04 2.72
N GLU B 270 1.69 10.62 1.80
CA GLU B 270 2.52 11.57 1.06
C GLU B 270 1.65 12.45 0.16
N LEU B 271 0.71 11.86 -0.58
CA LEU B 271 -0.15 12.65 -1.44
C LEU B 271 -0.92 13.69 -0.62
N GLU B 272 -1.37 13.32 0.56
CA GLU B 272 -2.12 14.26 1.41
C GLU B 272 -1.25 15.42 1.85
N ARG B 273 -0.02 15.13 2.32
CA ARG B 273 0.94 16.18 2.65
C ARG B 273 1.15 17.16 1.52
N ARG B 274 1.35 16.64 0.30
CA ARG B 274 1.64 17.54 -0.81
C ARG B 274 0.42 18.34 -1.23
N LEU B 275 -0.75 17.70 -1.24
CA LEU B 275 -1.97 18.43 -1.57
C LEU B 275 -2.25 19.50 -0.53
N ALA B 276 -1.99 19.18 0.74
CA ALA B 276 -2.28 20.13 1.83
C ALA B 276 -1.47 21.41 1.71
N LYS B 277 -0.26 21.33 1.13
CA LYS B 277 0.58 22.53 1.00
C LYS B 277 -0.07 23.54 0.07
N VAL B 278 -0.83 23.09 -0.90
CA VAL B 278 -1.40 23.96 -1.93
C VAL B 278 -2.88 24.23 -1.69
N LYS B 279 -3.62 23.24 -1.21
CA LYS B 279 -5.00 23.44 -0.78
C LYS B 279 -5.21 22.78 0.57
N PRO B 280 -5.08 23.54 1.66
CA PRO B 280 -5.22 22.97 3.01
C PRO B 280 -6.52 22.22 3.25
N ASP B 281 -7.63 22.63 2.63
CA ASP B 281 -8.91 21.98 2.83
C ASP B 281 -9.10 20.72 1.98
N LEU B 282 -8.11 20.37 1.16
CA LEU B 282 -8.07 19.11 0.40
C LEU B 282 -9.20 19.01 -0.63
N LEU B 283 -9.85 20.11 -0.98
CA LEU B 283 -10.92 20.08 -1.97
C LEU B 283 -10.32 20.04 -3.38
N ILE B 284 -10.85 19.14 -4.22
CA ILE B 284 -10.28 18.83 -5.53
C ILE B 284 -11.39 18.73 -6.57
N ALA B 285 -10.99 18.52 -7.83
CA ALA B 285 -11.90 18.27 -8.94
C ALA B 285 -12.02 16.79 -9.28
N ARG B 286 -10.90 16.08 -9.37
CA ARG B 286 -10.90 14.66 -9.65
C ARG B 286 -9.80 13.98 -8.85
N GLN B 287 -9.93 12.67 -8.68
CA GLN B 287 -8.87 11.87 -8.11
C GLN B 287 -8.93 10.47 -8.72
N GLY B 288 -7.79 9.80 -8.71
CA GLY B 288 -7.74 8.45 -9.27
C GLY B 288 -6.39 7.83 -9.06
N VAL B 289 -6.14 6.74 -9.81
CA VAL B 289 -4.97 5.88 -9.61
C VAL B 289 -4.31 5.58 -10.95
N LYS B 290 -3.12 5.01 -10.86
CA LYS B 290 -2.33 4.59 -12.01
C LYS B 290 -1.71 3.23 -11.70
N LEU B 291 -1.78 2.30 -12.65
CA LEU B 291 -1.02 1.06 -12.59
C LEU B 291 -0.18 0.95 -13.86
N LYS B 292 1.06 0.50 -13.72
CA LYS B 292 1.89 0.15 -14.87
C LYS B 292 2.28 -1.32 -14.75
N PHE B 293 2.11 -2.06 -15.85
CA PHE B 293 2.28 -3.51 -15.81
C PHE B 293 3.66 -3.90 -16.31
N ASP B 294 3.94 -5.22 -16.22
CA ASP B 294 5.29 -5.72 -16.49
C ASP B 294 5.71 -5.50 -17.94
N ASP B 295 4.77 -5.29 -18.84
CA ASP B 295 5.09 -5.02 -20.25
C ASP B 295 5.24 -3.54 -20.52
N PHE B 296 5.26 -2.69 -19.48
CA PHE B 296 5.39 -1.25 -19.56
C PHE B 296 4.12 -0.58 -20.07
N GLN B 297 3.04 -1.34 -20.29
CA GLN B 297 1.75 -0.72 -20.52
C GLN B 297 1.25 -0.11 -19.22
N GLN B 298 0.61 1.04 -19.31
CA GLN B 298 0.07 1.64 -18.10
C GLN B 298 -1.37 2.09 -18.33
N THR B 299 -2.08 2.25 -17.23
CA THR B 299 -3.46 2.65 -17.28
C THR B 299 -3.75 3.57 -16.11
N THR B 300 -4.68 4.50 -16.33
CA THR B 300 -5.10 5.45 -15.31
C THR B 300 -6.62 5.36 -15.20
N GLN B 301 -7.13 5.36 -13.97
CA GLN B 301 -8.57 5.41 -13.74
C GLN B 301 -8.83 6.54 -12.75
N GLU B 302 -9.51 7.58 -13.22
CA GLU B 302 -9.80 8.77 -12.43
C GLU B 302 -11.27 9.14 -12.64
N HIS B 303 -11.82 9.89 -11.69
CA HIS B 303 -13.23 10.28 -11.75
C HIS B 303 -13.44 11.56 -10.95
N VAL B 304 -14.52 12.29 -11.30
CA VAL B 304 -14.94 13.44 -10.51
C VAL B 304 -15.04 13.04 -9.05
N TRP B 305 -14.45 13.85 -8.17
CA TRP B 305 -14.52 13.60 -6.73
C TRP B 305 -14.23 14.90 -5.97
N PRO B 306 -15.02 15.23 -4.94
CA PRO B 306 -14.93 16.57 -4.35
C PRO B 306 -13.74 16.79 -3.43
N ARG B 307 -13.17 15.74 -2.85
CA ARG B 307 -12.15 15.92 -1.82
C ARG B 307 -11.32 14.65 -1.73
N LEU B 308 -10.01 14.82 -1.60
CA LEU B 308 -9.07 13.72 -1.42
C LEU B 308 -9.60 12.71 -0.42
N ASN B 309 -9.60 11.44 -0.81
CA ASN B 309 -10.27 10.41 0.00
C ASN B 309 -9.56 9.07 -0.20
N LYS B 310 -9.01 8.53 0.89
CA LYS B 310 -8.24 7.29 0.77
C LYS B 310 -9.13 6.10 0.41
N ALA B 311 -10.32 6.03 1.03
CA ALA B 311 -11.20 4.89 0.80
C ALA B 311 -11.60 4.80 -0.67
N ASP B 312 -11.89 5.93 -1.31
CA ASP B 312 -12.32 5.92 -2.71
C ASP B 312 -11.15 5.60 -3.65
N LEU B 313 -9.94 6.05 -3.31
CA LEU B 313 -8.78 5.66 -4.12
C LEU B 313 -8.61 4.15 -4.10
N ILE B 314 -8.70 3.54 -2.91
CA ILE B 314 -8.54 2.10 -2.79
C ILE B 314 -9.63 1.38 -3.55
N ALA B 315 -10.88 1.82 -3.40
CA ALA B 315 -11.98 1.23 -4.17
C ALA B 315 -11.73 1.33 -5.67
N THR B 316 -11.21 2.48 -6.11
CA THR B 316 -10.93 2.66 -7.53
C THR B 316 -9.82 1.71 -7.98
N ALA B 317 -8.74 1.59 -7.20
CA ALA B 317 -7.66 0.71 -7.59
C ALA B 317 -8.10 -0.75 -7.61
N ARG B 318 -9.07 -1.14 -6.75
CA ARG B 318 -9.56 -2.51 -6.84
C ARG B 318 -10.18 -2.74 -8.20
N LYS B 319 -10.91 -1.75 -8.72
CA LYS B 319 -11.52 -1.89 -10.03
C LYS B 319 -10.47 -1.94 -11.13
N THR B 320 -9.46 -1.07 -11.07
CA THR B 320 -8.41 -1.08 -12.08
C THR B 320 -7.67 -2.42 -12.06
N TRP B 321 -7.23 -2.83 -10.86
CA TRP B 321 -6.59 -4.14 -10.68
C TRP B 321 -7.44 -5.28 -11.22
N ASP B 322 -8.73 -5.31 -10.87
CA ASP B 322 -9.57 -6.45 -11.27
C ASP B 322 -9.87 -6.43 -12.75
N GLU B 323 -10.15 -5.25 -13.32
CA GLU B 323 -10.65 -5.19 -14.69
C GLU B 323 -9.57 -4.99 -15.75
N ARG B 324 -8.47 -4.30 -15.45
CA ARG B 324 -7.50 -3.96 -16.47
C ARG B 324 -6.17 -4.67 -16.37
N ARG B 325 -5.89 -5.36 -15.26
CA ARG B 325 -4.57 -5.97 -15.11
C ARG B 325 -4.37 -7.13 -16.08
N GLY B 326 -5.42 -7.88 -16.38
CA GLY B 326 -5.29 -8.96 -17.35
C GLY B 326 -4.33 -10.04 -16.92
N GLY B 327 -4.17 -10.26 -15.62
CA GLY B 327 -3.27 -11.27 -15.12
C GLY B 327 -1.80 -10.87 -15.11
N ARG B 328 -1.47 -9.66 -15.53
CA ARG B 328 -0.07 -9.26 -15.61
C ARG B 328 0.47 -8.86 -14.24
N GLY B 329 1.80 -8.86 -14.13
CA GLY B 329 2.42 -8.26 -12.97
C GLY B 329 2.30 -6.75 -13.02
N VAL B 330 2.36 -6.12 -11.85
CA VAL B 330 2.29 -4.66 -11.75
C VAL B 330 3.63 -4.16 -11.23
N ARG B 331 4.26 -3.24 -11.99
CA ARG B 331 5.55 -2.65 -11.60
C ARG B 331 5.43 -1.29 -10.94
N LEU B 332 4.35 -0.55 -11.16
CA LEU B 332 4.18 0.77 -10.55
C LEU B 332 2.74 0.92 -10.08
N VAL B 333 2.54 1.59 -8.95
CA VAL B 333 1.20 2.06 -8.60
C VAL B 333 1.30 3.53 -8.20
N GLY B 334 0.29 4.30 -8.57
CA GLY B 334 0.32 5.74 -8.37
C GLY B 334 -1.03 6.26 -7.93
N LEU B 335 -0.99 7.39 -7.23
CA LEU B 335 -2.20 8.11 -6.86
C LEU B 335 -2.15 9.49 -7.51
N HIS B 336 -3.32 10.04 -7.80
CA HIS B 336 -3.37 11.26 -8.60
C HIS B 336 -4.59 12.08 -8.23
N VAL B 337 -4.42 13.40 -8.31
CA VAL B 337 -5.46 14.37 -8.03
C VAL B 337 -5.38 15.46 -9.08
N THR B 338 -6.52 15.99 -9.51
CA THR B 338 -6.53 17.22 -10.30
C THR B 338 -7.25 18.30 -9.51
N LEU B 339 -6.65 19.48 -9.46
CA LEU B 339 -7.16 20.56 -8.64
C LEU B 339 -8.34 21.25 -9.32
N LEU B 340 -9.04 22.09 -8.55
CA LEU B 340 -10.13 22.89 -9.08
C LEU B 340 -9.59 24.01 -9.97
N ASP B 341 -10.47 24.58 -10.79
CA ASP B 341 -10.08 25.58 -11.78
C ASP B 341 -9.65 26.92 -11.18
N PRO B 342 -10.53 27.68 -10.49
CA PRO B 342 -9.96 28.97 -10.12
C PRO B 342 -9.64 29.10 -8.62
MG MG G . -6.54 -24.16 24.09
MG MG H . -8.77 -22.12 23.70
P PO4 I . -4.59 -25.35 21.65
O1 PO4 I . -5.75 -25.68 22.57
O2 PO4 I . -4.60 -26.35 20.54
O3 PO4 I . -4.61 -23.95 21.12
O4 PO4 I . -3.31 -25.47 22.44
MG MG J . 19.52 22.69 -17.08
MG MG K . 16.45 23.34 -17.45
P PO4 L . 20.71 19.27 -16.75
O1 PO4 L . 20.86 18.37 -15.56
O2 PO4 L . 19.61 18.85 -17.70
O3 PO4 L . 20.53 20.69 -16.25
O4 PO4 L . 21.97 19.07 -17.52
P PO4 M . 23.10 21.51 -18.57
O1 PO4 M . 24.20 22.42 -19.07
O2 PO4 M . 21.72 22.11 -18.75
O3 PO4 M . 23.17 20.25 -19.39
O4 PO4 M . 23.36 21.28 -17.07
#